data_8HYL
#
_entry.id   8HYL
#
_cell.length_a   72.277
_cell.length_b   86.207
_cell.length_c   112.750
_cell.angle_alpha   90.00
_cell.angle_beta   90.00
_cell.angle_gamma   90.00
#
_symmetry.space_group_name_H-M   'P 21 21 21'
#
loop_
_entity.id
_entity.type
_entity.pdbx_description
1 polymer VH-SARAH
2 polymer VL-SARAH
3 water water
#
loop_
_entity_poly.entity_id
_entity_poly.type
_entity_poly.pdbx_seq_one_letter_code
_entity_poly.pdbx_strand_id
1 'polypeptide(L)'
;GGSEVQLQQSGPELVKPGASVKMSCKASGYTFTSYVMHWVKQKPGQGLEWIGYINPHNDGTKYNEKFKGKATLTSDKSSS
TAYMELSSLTSEDSAVYYCARKLRGFAYWGQGTLVTVCSGSDYEFLKSWTVEDLQKRLLALDPMMEQEIEEIRQKYQSKR
QPILDAIEAK
;
A,C
2 'polypeptide(L)'
;MDVLMTQTPLSLPVSLGDQASISCRSSQSLLHSNRNTYLHWYLQKPGQSPKLLIYKVSNRFSGVPDRFSGSGSGTDFTLK
INRVEAEDLGVYFCSQSTHVPLTFGAGTKLELKRGSDYEFLKSWTVEDLQKRLLALDPMMEQEIEEIRQKYQCKRQPILD
AIEAK
;
B,D
#
# COMPACT_ATOMS: atom_id res chain seq x y z
N GLU A 4 25.88 -24.73 9.26
CA GLU A 4 24.89 -23.70 9.58
C GLU A 4 23.53 -24.11 9.06
N VAL A 5 22.52 -23.97 9.93
CA VAL A 5 21.15 -24.23 9.52
C VAL A 5 20.73 -23.22 8.47
N GLN A 6 20.15 -23.70 7.38
CA GLN A 6 19.64 -22.76 6.40
C GLN A 6 18.34 -23.30 5.85
N LEU A 7 17.35 -22.42 5.80
CA LEU A 7 16.06 -22.68 5.20
C LEU A 7 16.04 -21.86 3.91
N GLN A 8 16.15 -22.55 2.79
CA GLN A 8 16.40 -21.94 1.49
C GLN A 8 15.13 -22.00 0.66
N GLN A 9 14.47 -20.87 0.48
CA GLN A 9 13.18 -20.84 -0.17
C GLN A 9 13.29 -20.43 -1.63
N SER A 10 12.30 -20.85 -2.41
CA SER A 10 12.29 -20.61 -3.85
C SER A 10 11.95 -19.16 -4.18
N GLY A 11 12.33 -18.75 -5.40
CA GLY A 11 12.31 -17.38 -5.82
C GLY A 11 10.91 -16.81 -6.01
N PRO A 12 10.85 -15.54 -6.42
CA PRO A 12 9.56 -14.85 -6.52
C PRO A 12 8.65 -15.47 -7.57
N GLU A 13 7.36 -15.39 -7.30
CA GLU A 13 6.35 -16.00 -8.16
C GLU A 13 5.39 -14.93 -8.68
N LEU A 14 5.07 -15.02 -9.96
CA LEU A 14 4.22 -14.08 -10.66
C LEU A 14 3.03 -14.85 -11.22
N VAL A 15 1.85 -14.62 -10.66
CA VAL A 15 0.69 -15.45 -10.96
C VAL A 15 -0.47 -14.56 -11.35
N LYS A 16 -1.29 -15.05 -12.28
CA LYS A 16 -2.62 -14.53 -12.62
C LYS A 16 -3.67 -15.03 -11.64
N PRO A 17 -4.77 -14.29 -11.47
CA PRO A 17 -5.80 -14.74 -10.52
C PRO A 17 -6.36 -16.10 -10.90
N GLY A 18 -6.67 -16.90 -9.86
CA GLY A 18 -7.18 -18.25 -10.04
C GLY A 18 -6.14 -19.33 -10.25
N ALA A 19 -4.87 -18.99 -10.44
CA ALA A 19 -3.86 -19.99 -10.72
C ALA A 19 -3.45 -20.69 -9.43
N SER A 20 -2.50 -21.62 -9.53
CA SER A 20 -1.88 -22.24 -8.38
C SER A 20 -0.38 -22.02 -8.44
N VAL A 21 0.25 -22.01 -7.27
CA VAL A 21 1.71 -21.93 -7.18
C VAL A 21 2.18 -22.92 -6.14
N LYS A 22 3.27 -23.61 -6.43
CA LYS A 22 3.88 -24.52 -5.47
C LYS A 22 5.29 -24.02 -5.23
N MET A 23 5.59 -23.75 -3.96
CA MET A 23 6.88 -23.20 -3.55
C MET A 23 7.61 -24.19 -2.66
N SER A 24 8.93 -24.00 -2.54
CA SER A 24 9.85 -24.95 -1.93
C SER A 24 10.69 -24.32 -0.83
N CYS A 25 11.06 -25.15 0.16
CA CYS A 25 11.84 -24.76 1.34
C CYS A 25 12.86 -25.86 1.60
N LYS A 26 14.08 -25.68 1.14
CA LYS A 26 15.13 -26.70 1.25
C LYS A 26 15.95 -26.43 2.50
N ALA A 27 15.89 -27.36 3.44
CA ALA A 27 16.63 -27.25 4.68
C ALA A 27 17.98 -27.93 4.54
N SER A 28 19.01 -27.33 5.13
CA SER A 28 20.32 -27.94 5.21
C SER A 28 20.94 -27.59 6.55
N GLY A 29 21.89 -28.42 6.99
CA GLY A 29 22.62 -28.17 8.22
C GLY A 29 22.01 -28.76 9.48
N TYR A 30 21.05 -29.67 9.34
CA TYR A 30 20.41 -30.35 10.45
C TYR A 30 19.60 -31.51 9.89
N THR A 31 19.17 -32.42 10.77
CA THR A 31 18.40 -33.58 10.36
C THR A 31 16.98 -33.16 10.02
N PHE A 32 16.65 -33.16 8.73
CA PHE A 32 15.36 -32.64 8.26
C PHE A 32 14.18 -33.26 9.01
N THR A 33 14.21 -34.57 9.25
CA THR A 33 13.06 -35.26 9.82
C THR A 33 12.90 -35.09 11.32
N SER A 34 13.85 -34.46 12.01
CA SER A 34 13.78 -34.29 13.46
C SER A 34 12.91 -33.12 13.89
N TYR A 35 12.48 -32.27 12.96
CA TYR A 35 11.79 -31.04 13.32
C TYR A 35 10.57 -30.79 12.45
N VAL A 36 9.51 -30.27 13.09
CA VAL A 36 8.29 -29.86 12.41
C VAL A 36 8.52 -28.54 11.65
N MET A 37 8.03 -28.51 10.41
CA MET A 37 8.19 -27.37 9.51
C MET A 37 6.87 -26.58 9.46
N HIS A 38 6.91 -25.32 9.87
CA HIS A 38 5.74 -24.44 9.87
C HIS A 38 5.80 -23.45 8.72
N TRP A 39 4.63 -22.92 8.36
CA TRP A 39 4.51 -21.93 7.30
C TRP A 39 3.68 -20.74 7.78
N VAL A 40 4.10 -19.55 7.39
CA VAL A 40 3.51 -18.30 7.87
C VAL A 40 3.34 -17.37 6.69
N LYS A 41 2.22 -16.66 6.66
CA LYS A 41 1.93 -15.69 5.62
C LYS A 41 2.09 -14.29 6.20
N GLN A 42 2.66 -13.39 5.42
CA GLN A 42 2.82 -12.01 5.84
C GLN A 42 2.53 -11.10 4.64
N LYS A 43 1.37 -10.46 4.67
CA LYS A 43 1.08 -9.46 3.64
C LYS A 43 1.93 -8.22 3.90
N PRO A 44 2.39 -7.53 2.84
CA PRO A 44 3.34 -6.43 3.05
C PRO A 44 2.76 -5.32 3.93
N GLY A 45 3.51 -4.96 4.97
CA GLY A 45 3.08 -3.95 5.92
C GLY A 45 2.07 -4.38 6.95
N GLN A 46 1.85 -5.68 7.11
CA GLN A 46 0.85 -6.20 8.05
C GLN A 46 1.47 -7.32 8.90
N GLY A 47 0.61 -8.03 9.64
CA GLY A 47 1.02 -9.04 10.60
C GLY A 47 1.38 -10.40 10.01
N LEU A 48 1.83 -11.27 10.90
CA LEU A 48 2.08 -12.68 10.58
C LEU A 48 0.80 -13.51 10.79
N GLU A 49 0.48 -14.35 9.80
CA GLU A 49 -0.58 -15.35 9.92
C GLU A 49 0.01 -16.75 9.84
N TRP A 50 -0.36 -17.61 10.79
CA TRP A 50 0.10 -18.99 10.77
C TRP A 50 -0.75 -19.82 9.83
N ILE A 51 -0.12 -20.47 8.85
CA ILE A 51 -0.87 -21.26 7.87
C ILE A 51 -1.06 -22.68 8.38
N GLY A 52 0.03 -23.36 8.68
CA GLY A 52 -0.02 -24.73 9.15
C GLY A 52 1.37 -25.31 9.27
N TYR A 53 1.42 -26.63 9.52
CA TYR A 53 2.70 -27.32 9.59
C TYR A 53 2.62 -28.71 8.99
N ILE A 54 3.80 -29.22 8.61
CA ILE A 54 3.98 -30.62 8.27
C ILE A 54 5.14 -31.18 9.10
N ASN A 55 4.95 -32.40 9.59
CA ASN A 55 5.95 -33.18 10.30
C ASN A 55 6.57 -34.13 9.29
N PRO A 56 7.80 -33.87 8.83
CA PRO A 56 8.41 -34.71 7.78
C PRO A 56 8.75 -36.10 8.26
N HIS A 57 8.79 -36.32 9.57
CA HIS A 57 9.12 -37.64 10.08
C HIS A 57 8.01 -38.64 9.78
N ASN A 58 6.76 -38.18 9.75
CA ASN A 58 5.62 -39.05 9.47
C ASN A 58 4.61 -38.43 8.51
N ASP A 59 4.92 -37.28 7.93
CA ASP A 59 4.09 -36.58 6.93
C ASP A 59 2.79 -36.06 7.52
N GLY A 60 2.70 -35.94 8.84
CA GLY A 60 1.46 -35.44 9.43
C GLY A 60 1.34 -33.94 9.29
N THR A 61 0.12 -33.44 9.12
CA THR A 61 -0.07 -32.02 8.89
C THR A 61 -1.21 -31.47 9.73
N LYS A 62 -1.10 -30.19 10.08
CA LYS A 62 -2.18 -29.46 10.73
C LYS A 62 -2.33 -28.14 9.99
N TYR A 63 -3.55 -27.63 9.90
CA TYR A 63 -3.85 -26.42 9.17
C TYR A 63 -4.67 -25.46 10.03
N ASN A 64 -4.31 -24.19 9.97
CA ASN A 64 -5.21 -23.12 10.40
C ASN A 64 -6.47 -23.23 9.57
N GLU A 65 -7.64 -23.18 10.22
CA GLU A 65 -8.92 -23.21 9.47
C GLU A 65 -8.90 -22.14 8.35
N LYS A 66 -8.26 -21.00 8.59
CA LYS A 66 -8.28 -19.88 7.59
C LYS A 66 -7.54 -20.28 6.32
N PHE A 67 -7.05 -21.52 6.23
CA PHE A 67 -6.28 -21.96 5.10
C PHE A 67 -6.57 -23.38 4.64
N LYS A 68 -7.54 -24.12 5.23
CA LYS A 68 -7.96 -25.40 4.65
C LYS A 68 -8.38 -25.20 3.19
N GLY A 69 -7.79 -25.97 2.29
CA GLY A 69 -8.12 -25.88 0.88
C GLY A 69 -7.28 -24.84 0.18
N LYS A 70 -6.91 -23.77 0.88
CA LYS A 70 -6.04 -22.77 0.26
C LYS A 70 -4.62 -23.28 0.18
N ALA A 71 -4.14 -23.90 1.25
CA ALA A 71 -2.77 -24.40 1.30
C ALA A 71 -2.75 -25.92 1.40
N THR A 72 -1.72 -26.51 0.79
CA THR A 72 -1.44 -27.94 0.88
C THR A 72 0.04 -28.13 1.20
N LEU A 73 0.34 -28.83 2.29
CA LEU A 73 1.72 -29.00 2.74
C LEU A 73 2.20 -30.42 2.51
N THR A 74 3.39 -30.54 1.89
CA THR A 74 4.03 -31.84 1.70
C THR A 74 5.51 -31.72 2.03
N SER A 75 6.18 -32.87 2.05
CA SER A 75 7.64 -32.87 2.15
C SER A 75 8.20 -34.12 1.49
N ASP A 76 9.51 -34.07 1.24
CA ASP A 76 10.27 -35.16 0.61
C ASP A 76 11.57 -35.30 1.40
N LYS A 77 11.69 -36.44 2.09
CA LYS A 77 12.85 -36.73 2.92
C LYS A 77 14.14 -36.79 2.09
N SER A 78 14.10 -37.43 0.92
CA SER A 78 15.34 -37.59 0.16
C SER A 78 15.96 -36.24 -0.19
N SER A 79 15.14 -35.22 -0.42
CA SER A 79 15.58 -33.89 -0.80
C SER A 79 15.63 -32.89 0.36
N SER A 80 15.28 -33.32 1.58
CA SER A 80 15.17 -32.41 2.72
C SER A 80 14.39 -31.16 2.36
N THR A 81 13.27 -31.30 1.66
CA THR A 81 12.56 -30.11 1.16
C THR A 81 11.09 -30.15 1.59
N ALA A 82 10.61 -29.04 2.14
CA ALA A 82 9.20 -28.83 2.39
C ALA A 82 8.57 -28.02 1.26
N TYR A 83 7.34 -28.38 0.89
CA TYR A 83 6.61 -27.63 -0.12
C TYR A 83 5.28 -27.17 0.45
N MET A 84 4.83 -26.02 -0.07
CA MET A 84 3.47 -25.54 0.15
C MET A 84 2.87 -25.18 -1.20
N GLU A 85 1.68 -25.69 -1.48
CA GLU A 85 0.93 -25.34 -2.68
C GLU A 85 -0.30 -24.51 -2.32
N LEU A 86 -0.38 -23.31 -2.91
CA LEU A 86 -1.54 -22.43 -2.79
C LEU A 86 -2.36 -22.51 -4.06
N SER A 87 -3.68 -22.70 -3.92
CA SER A 87 -4.59 -22.91 -5.03
C SER A 87 -5.46 -21.68 -5.27
N SER A 88 -5.85 -21.50 -6.54
CA SER A 88 -6.87 -20.54 -6.97
C SER A 88 -6.63 -19.16 -6.37
N LEU A 89 -5.47 -18.60 -6.68
CA LEU A 89 -4.99 -17.40 -6.03
C LEU A 89 -5.91 -16.21 -6.27
N THR A 90 -5.97 -15.35 -5.27
CA THR A 90 -6.62 -14.06 -5.34
C THR A 90 -5.63 -12.96 -4.93
N SER A 91 -6.08 -11.70 -5.03
CA SER A 91 -5.24 -10.58 -4.58
C SER A 91 -4.98 -10.55 -3.07
N GLU A 92 -5.86 -11.18 -2.32
CA GLU A 92 -5.68 -11.30 -0.86
C GLU A 92 -4.58 -12.31 -0.54
N ASP A 93 -4.16 -13.11 -1.53
CA ASP A 93 -3.08 -14.05 -1.32
C ASP A 93 -1.71 -13.50 -1.61
N SER A 94 -1.60 -12.34 -2.25
CA SER A 94 -0.30 -11.74 -2.50
C SER A 94 0.34 -11.36 -1.18
N ALA A 95 1.50 -11.95 -0.92
CA ALA A 95 2.13 -11.84 0.38
C ALA A 95 3.50 -12.52 0.28
N VAL A 96 4.31 -12.31 1.31
CA VAL A 96 5.51 -13.11 1.49
C VAL A 96 5.13 -14.35 2.28
N TYR A 97 5.60 -15.50 1.85
CA TYR A 97 5.33 -16.75 2.55
C TYR A 97 6.64 -17.29 3.11
N TYR A 98 6.65 -17.54 4.41
CA TYR A 98 7.84 -18.01 5.11
C TYR A 98 7.66 -19.46 5.55
N CYS A 99 8.74 -20.24 5.49
CA CYS A 99 8.84 -21.48 6.24
C CYS A 99 9.78 -21.25 7.42
N ALA A 100 9.54 -21.97 8.51
CA ALA A 100 10.35 -21.80 9.72
C ALA A 100 10.33 -23.10 10.52
N ARG A 101 11.48 -23.42 11.10
CA ARG A 101 11.64 -24.63 11.87
C ARG A 101 11.33 -24.37 13.34
N LYS A 102 10.50 -25.22 13.94
CA LYS A 102 10.07 -24.95 15.31
C LYS A 102 10.68 -25.99 16.25
N LEU A 103 11.17 -25.52 17.41
CA LEU A 103 11.44 -26.38 18.55
C LEU A 103 10.86 -25.71 19.80
N ARG A 104 11.59 -24.77 20.41
CA ARG A 104 11.06 -23.93 21.47
C ARG A 104 10.35 -22.70 20.92
N GLY A 105 10.46 -22.47 19.62
CA GLY A 105 9.77 -21.41 18.91
C GLY A 105 10.31 -21.40 17.50
N PHE A 106 10.04 -20.31 16.78
CA PHE A 106 10.54 -20.23 15.40
C PHE A 106 11.94 -19.62 15.42
N ALA A 107 12.93 -20.50 15.61
CA ALA A 107 14.34 -20.12 15.71
C ALA A 107 14.98 -19.88 14.36
N TYR A 108 14.58 -20.63 13.34
CA TYR A 108 15.21 -20.57 12.03
C TYR A 108 14.13 -20.31 11.02
N TRP A 109 14.33 -19.29 10.19
CA TRP A 109 13.34 -18.83 9.22
C TRP A 109 13.98 -18.82 7.84
N GLY A 110 13.23 -19.25 6.84
CA GLY A 110 13.64 -19.01 5.49
C GLY A 110 13.56 -17.52 5.16
N GLN A 111 14.11 -17.17 3.99
CA GLN A 111 14.10 -15.77 3.57
C GLN A 111 12.73 -15.35 3.06
N GLY A 112 11.84 -16.30 2.82
CA GLY A 112 10.50 -15.96 2.39
C GLY A 112 10.36 -15.99 0.88
N THR A 113 9.23 -16.47 0.40
CA THR A 113 8.87 -16.43 -1.00
C THR A 113 7.78 -15.38 -1.21
N LEU A 114 8.02 -14.46 -2.14
CA LEU A 114 7.05 -13.42 -2.49
C LEU A 114 6.15 -13.91 -3.60
N VAL A 115 4.84 -13.86 -3.38
CA VAL A 115 3.86 -14.16 -4.43
C VAL A 115 3.13 -12.87 -4.76
N THR A 116 3.20 -12.48 -6.05
CA THR A 116 2.49 -11.32 -6.59
C THR A 116 1.38 -11.80 -7.52
N VAL A 117 0.14 -11.50 -7.14
CA VAL A 117 -1.03 -11.82 -8.02
C VAL A 117 -1.34 -10.58 -8.86
N CYS A 118 -1.10 -10.63 -10.16
CA CYS A 118 -1.25 -9.46 -11.06
C CYS A 118 -2.71 -9.05 -11.34
N SER A 119 -3.18 -9.23 -12.57
CA SER A 119 -4.52 -8.71 -12.97
C SER A 119 -5.63 -9.75 -12.88
N TYR A 123 -4.42 -6.85 -22.24
CA TYR A 123 -5.50 -7.82 -22.18
C TYR A 123 -6.33 -7.76 -23.45
N GLU A 124 -7.64 -7.78 -23.25
CA GLU A 124 -8.64 -7.76 -24.31
C GLU A 124 -8.40 -6.62 -25.29
N PHE A 125 -8.47 -5.39 -24.78
CA PHE A 125 -8.36 -4.20 -25.61
C PHE A 125 -7.04 -4.14 -26.36
N LEU A 126 -6.00 -4.83 -25.86
CA LEU A 126 -4.72 -4.74 -26.52
C LEU A 126 -4.75 -5.39 -27.90
N LYS A 127 -5.75 -6.24 -28.16
CA LYS A 127 -5.89 -6.82 -29.48
C LYS A 127 -6.19 -5.75 -30.53
N SER A 128 -6.67 -4.59 -30.11
CA SER A 128 -6.88 -3.54 -31.08
C SER A 128 -5.56 -2.92 -31.52
N TRP A 129 -4.49 -3.14 -30.76
CA TRP A 129 -3.21 -2.50 -31.07
C TRP A 129 -2.50 -3.27 -32.18
N THR A 130 -1.60 -2.56 -32.86
CA THR A 130 -0.70 -3.22 -33.79
C THR A 130 0.48 -3.85 -33.07
N VAL A 131 1.17 -4.75 -33.78
CA VAL A 131 2.31 -5.47 -33.21
C VAL A 131 3.44 -4.49 -32.86
N GLU A 132 3.71 -3.54 -33.76
CA GLU A 132 4.77 -2.57 -33.49
C GLU A 132 4.36 -1.67 -32.33
N ASP A 133 3.10 -1.36 -32.19
CA ASP A 133 2.63 -0.52 -31.06
C ASP A 133 2.84 -1.26 -29.74
N LEU A 134 2.51 -2.55 -29.69
CA LEU A 134 2.80 -3.36 -28.47
C LEU A 134 4.31 -3.33 -28.15
N GLN A 135 5.15 -3.57 -29.15
CA GLN A 135 6.57 -3.65 -28.85
C GLN A 135 7.13 -2.31 -28.38
N LYS A 136 6.68 -1.20 -28.98
CA LYS A 136 7.14 0.10 -28.53
C LYS A 136 6.74 0.34 -27.08
N ARG A 137 5.51 -0.03 -26.73
CA ARG A 137 5.07 0.16 -25.34
C ARG A 137 5.88 -0.74 -24.39
N LEU A 138 6.22 -1.94 -24.82
CA LEU A 138 7.03 -2.84 -23.96
C LEU A 138 8.39 -2.18 -23.65
N LEU A 139 9.00 -1.55 -24.65
CA LEU A 139 10.30 -0.89 -24.49
C LEU A 139 10.14 0.38 -23.64
N ALA A 140 9.06 1.12 -23.84
CA ALA A 140 8.84 2.30 -22.98
C ALA A 140 8.69 1.94 -21.50
N LEU A 141 8.39 0.68 -21.19
CA LEU A 141 8.33 0.30 -19.77
C LEU A 141 9.72 0.32 -19.11
N ASP A 142 10.78 -0.05 -19.86
CA ASP A 142 12.10 -0.17 -19.23
C ASP A 142 12.62 1.12 -18.64
N PRO A 143 12.66 2.25 -19.36
CA PRO A 143 13.10 3.51 -18.72
C PRO A 143 12.17 3.97 -17.61
N MET A 144 10.87 3.62 -17.68
CA MET A 144 9.93 3.98 -16.61
C MET A 144 10.25 3.25 -15.30
N MET A 145 10.59 1.96 -15.41
CA MET A 145 11.06 1.23 -14.24
C MET A 145 12.30 1.86 -13.67
N GLU A 146 13.27 2.15 -14.54
CA GLU A 146 14.52 2.71 -14.06
C GLU A 146 14.29 4.01 -13.31
N GLN A 147 13.37 4.84 -13.81
CA GLN A 147 13.05 6.09 -13.11
C GLN A 147 12.59 5.82 -11.68
N GLU A 148 11.67 4.87 -11.50
CA GLU A 148 11.19 4.53 -10.16
C GLU A 148 12.31 4.00 -9.26
N ILE A 149 13.12 3.10 -9.81
CA ILE A 149 14.22 2.52 -9.05
C ILE A 149 15.24 3.59 -8.70
N GLU A 150 15.52 4.51 -9.62
CA GLU A 150 16.50 5.56 -9.37
C GLU A 150 16.03 6.50 -8.28
N GLU A 151 14.72 6.75 -8.20
CA GLU A 151 14.19 7.53 -7.08
C GLU A 151 14.41 6.81 -5.76
N ILE A 152 14.13 5.49 -5.72
CA ILE A 152 14.40 4.71 -4.50
C ILE A 152 15.87 4.77 -4.11
N ARG A 153 16.75 4.59 -5.10
CA ARG A 153 18.19 4.66 -4.86
C ARG A 153 18.59 6.00 -4.25
N GLN A 154 18.06 7.10 -4.79
CA GLN A 154 18.44 8.41 -4.25
C GLN A 154 17.88 8.63 -2.84
N LYS A 155 16.64 8.19 -2.60
CA LYS A 155 16.08 8.20 -1.24
C LYS A 155 17.03 7.55 -0.24
N TYR A 156 17.60 6.41 -0.63
CA TYR A 156 18.48 5.72 0.30
C TYR A 156 19.87 6.32 0.34
N GLN A 157 20.34 6.88 -0.77
CA GLN A 157 21.59 7.64 -0.77
C GLN A 157 21.52 8.80 0.22
N SER A 158 20.38 9.51 0.24
CA SER A 158 20.19 10.60 1.18
C SER A 158 20.25 10.10 2.62
N LYS A 159 19.60 8.96 2.90
CA LYS A 159 19.66 8.43 4.27
C LYS A 159 21.05 7.94 4.66
N ARG A 160 21.83 7.42 3.72
CA ARG A 160 23.15 6.88 4.08
C ARG A 160 24.20 7.94 4.31
N GLN A 161 24.13 9.06 3.59
CA GLN A 161 25.27 9.98 3.61
C GLN A 161 25.64 10.50 4.99
N PRO A 162 24.73 10.89 5.90
CA PRO A 162 25.18 11.31 7.24
C PRO A 162 25.86 10.20 8.03
N ILE A 163 25.42 8.94 7.87
CA ILE A 163 26.13 7.83 8.49
C ILE A 163 27.51 7.69 7.86
N LEU A 164 27.58 7.72 6.52
CA LEU A 164 28.85 7.64 5.83
C LEU A 164 29.78 8.79 6.23
N ASP A 165 29.21 9.96 6.47
CA ASP A 165 29.97 11.12 6.90
C ASP A 165 30.52 10.92 8.31
N ALA A 166 29.70 10.42 9.24
CA ALA A 166 30.18 10.14 10.59
C ALA A 166 31.34 9.14 10.56
N ILE A 167 31.30 8.17 9.65
CA ILE A 167 32.40 7.21 9.53
C ILE A 167 33.65 7.89 8.97
N GLU A 168 33.46 8.75 7.97
CA GLU A 168 34.62 9.40 7.34
C GLU A 168 35.33 10.31 8.32
N ALA A 169 34.57 10.93 9.23
CA ALA A 169 35.11 11.92 10.15
C ALA A 169 35.53 11.30 11.48
N LYS A 170 35.89 10.02 11.49
CA LYS A 170 36.35 9.36 12.70
C LYS A 170 37.84 9.62 12.96
N MET B 1 -12.53 -20.99 18.67
CA MET B 1 -12.29 -19.71 18.00
C MET B 1 -10.82 -19.38 18.23
N ASP B 2 -10.17 -18.72 17.27
CA ASP B 2 -8.74 -18.46 17.45
C ASP B 2 -8.54 -17.41 18.54
N VAL B 3 -7.40 -17.53 19.24
CA VAL B 3 -7.10 -16.63 20.34
C VAL B 3 -6.63 -15.30 19.79
N LEU B 4 -7.26 -14.22 20.24
CA LEU B 4 -6.90 -12.88 19.79
C LEU B 4 -5.72 -12.37 20.60
N MET B 5 -4.73 -11.80 19.92
CA MET B 5 -3.56 -11.23 20.59
C MET B 5 -3.50 -9.75 20.26
N THR B 6 -3.55 -8.92 21.30
CA THR B 6 -3.58 -7.48 21.16
C THR B 6 -2.26 -6.93 21.66
N GLN B 7 -1.62 -6.12 20.83
CA GLN B 7 -0.34 -5.54 21.19
C GLN B 7 -0.55 -4.06 21.41
N THR B 8 0.13 -3.52 22.42
CA THR B 8 0.03 -2.12 22.74
C THR B 8 1.42 -1.61 23.13
N PRO B 9 1.86 -0.51 22.50
CA PRO B 9 1.11 0.21 21.46
C PRO B 9 1.27 -0.44 20.09
N LEU B 10 0.71 0.17 19.05
CA LEU B 10 0.93 -0.29 17.69
C LEU B 10 2.19 0.33 17.11
N SER B 11 2.53 1.54 17.53
CA SER B 11 3.76 2.22 17.14
C SER B 11 4.32 2.91 18.37
N LEU B 12 5.62 2.74 18.62
CA LEU B 12 6.26 3.23 19.85
C LEU B 12 7.53 3.99 19.53
N PRO B 13 7.50 5.31 19.52
CA PRO B 13 8.70 6.10 19.26
C PRO B 13 9.53 6.33 20.51
N VAL B 14 10.84 6.20 20.37
CA VAL B 14 11.78 6.45 21.45
C VAL B 14 13.03 7.10 20.88
N SER B 15 13.96 7.40 21.76
CA SER B 15 15.31 7.82 21.41
C SER B 15 16.28 6.76 21.91
N LEU B 16 17.41 6.61 21.21
CA LEU B 16 18.40 5.60 21.59
C LEU B 16 18.84 5.81 23.03
N GLY B 17 18.77 4.75 23.80
CA GLY B 17 19.10 4.80 25.20
C GLY B 17 17.87 4.78 26.09
N ASP B 18 16.71 5.18 25.54
CA ASP B 18 15.48 5.15 26.30
C ASP B 18 15.14 3.72 26.73
N GLN B 19 14.19 3.63 27.64
CA GLN B 19 13.54 2.36 27.96
C GLN B 19 12.31 2.20 27.08
N ALA B 20 12.15 1.02 26.49
CA ALA B 20 10.92 0.70 25.80
C ALA B 20 10.22 -0.44 26.51
N SER B 21 8.88 -0.38 26.52
CA SER B 21 8.07 -1.45 27.07
C SER B 21 6.88 -1.72 26.14
N ILE B 22 6.67 -2.98 25.79
CA ILE B 22 5.64 -3.37 24.83
C ILE B 22 4.77 -4.46 25.45
N SER B 23 3.46 -4.24 25.41
CA SER B 23 2.46 -5.05 26.08
C SER B 23 1.72 -5.94 25.09
N CYS B 24 1.31 -7.11 25.58
CA CYS B 24 0.58 -8.06 24.75
C CYS B 24 -0.46 -8.77 25.60
N ARG B 25 -1.73 -8.74 25.14
CA ARG B 25 -2.86 -9.31 25.87
C ARG B 25 -3.53 -10.36 25.00
N SER B 26 -3.82 -11.50 25.58
CA SER B 26 -4.44 -12.60 24.87
C SER B 26 -5.89 -12.68 25.31
N SER B 27 -6.78 -12.98 24.35
CA SER B 27 -8.20 -12.96 24.65
C SER B 27 -8.59 -14.10 25.59
N GLN B 28 -7.74 -15.13 25.68
CA GLN B 28 -7.90 -16.20 26.64
C GLN B 28 -6.52 -16.44 27.23
N SER B 29 -6.49 -16.91 28.48
CA SER B 29 -5.22 -17.13 29.18
C SER B 29 -4.32 -18.12 28.47
N LEU B 30 -3.01 -17.85 28.56
CA LEU B 30 -1.99 -18.66 27.91
C LEU B 30 -1.39 -19.74 28.81
N LEU B 31 -1.86 -19.84 30.06
CA LEU B 31 -1.39 -20.90 30.94
C LEU B 31 -1.97 -22.25 30.48
N HIS B 32 -1.09 -23.13 30.04
CA HIS B 32 -1.48 -24.47 29.63
C HIS B 32 -1.78 -25.31 30.85
N SER B 33 -2.53 -26.40 30.64
CA SER B 33 -2.82 -27.30 31.74
C SER B 33 -1.57 -28.02 32.23
N ASN B 34 -0.64 -28.33 31.31
CA ASN B 34 0.64 -28.90 31.73
C ASN B 34 1.57 -27.87 32.39
N ARG B 35 1.04 -26.67 32.63
CA ARG B 35 1.60 -25.57 33.41
C ARG B 35 2.68 -24.74 32.73
N ASN B 36 3.01 -24.98 31.45
CA ASN B 36 3.83 -24.02 30.74
C ASN B 36 2.96 -22.90 30.18
N THR B 37 3.57 -21.73 29.99
CA THR B 37 2.89 -20.58 29.40
C THR B 37 3.62 -20.31 28.10
N TYR B 38 2.99 -20.69 26.97
CA TYR B 38 3.67 -20.69 25.67
C TYR B 38 3.48 -19.34 24.98
N LEU B 39 4.22 -18.35 25.47
CA LEU B 39 4.24 -16.99 24.92
C LEU B 39 5.64 -16.65 24.45
N HIS B 40 5.74 -16.15 23.20
CA HIS B 40 7.02 -15.88 22.57
C HIS B 40 7.06 -14.47 21.99
N TRP B 41 8.28 -13.92 21.92
CA TRP B 41 8.53 -12.60 21.35
C TRP B 41 9.51 -12.71 20.19
N TYR B 42 9.19 -12.00 19.09
CA TYR B 42 10.00 -11.92 17.88
C TYR B 42 10.27 -10.47 17.50
N LEU B 43 11.44 -10.22 16.90
CA LEU B 43 11.78 -8.94 16.29
C LEU B 43 12.02 -9.19 14.81
N GLN B 44 11.37 -8.39 13.96
CA GLN B 44 11.57 -8.47 12.51
C GLN B 44 12.02 -7.09 12.04
N LYS B 45 13.29 -7.00 11.66
CA LYS B 45 13.81 -5.79 11.04
C LYS B 45 13.27 -5.63 9.61
N PRO B 46 13.09 -4.39 9.16
CA PRO B 46 12.42 -4.17 7.86
C PRO B 46 13.19 -4.81 6.71
N GLY B 47 12.46 -5.55 5.88
CA GLY B 47 13.04 -6.28 4.79
C GLY B 47 13.73 -7.58 5.18
N GLN B 48 13.68 -7.96 6.45
CA GLN B 48 14.34 -9.16 6.93
C GLN B 48 13.29 -10.11 7.49
N SER B 49 13.72 -11.33 7.78
CA SER B 49 12.90 -12.34 8.42
C SER B 49 12.84 -12.12 9.93
N PRO B 50 11.76 -12.55 10.59
CA PRO B 50 11.72 -12.45 12.05
C PRO B 50 12.76 -13.34 12.71
N LYS B 51 13.14 -12.95 13.94
CA LYS B 51 14.07 -13.72 14.75
C LYS B 51 13.48 -13.88 16.14
N LEU B 52 13.71 -15.04 16.74
CA LEU B 52 13.14 -15.34 18.05
C LEU B 52 13.91 -14.60 19.14
N LEU B 53 13.19 -13.95 20.05
CA LEU B 53 13.82 -13.23 21.17
C LEU B 53 13.58 -13.94 22.49
N ILE B 54 12.31 -14.18 22.84
CA ILE B 54 11.97 -14.82 24.11
C ILE B 54 11.01 -15.97 23.80
N TYR B 55 11.14 -17.07 24.56
CA TYR B 55 10.13 -18.11 24.56
C TYR B 55 9.66 -18.32 26.00
N LYS B 56 8.44 -18.83 26.16
CA LYS B 56 7.83 -19.06 27.46
C LYS B 56 8.02 -17.85 28.37
N VAL B 57 7.45 -16.73 27.93
CA VAL B 57 7.33 -15.50 28.70
C VAL B 57 8.67 -14.81 28.96
N SER B 58 9.65 -15.55 29.50
CA SER B 58 10.82 -14.88 30.07
C SER B 58 12.17 -15.52 29.74
N ASN B 59 12.23 -16.50 28.87
CA ASN B 59 13.50 -17.16 28.58
C ASN B 59 14.13 -16.57 27.31
N ARG B 60 15.29 -15.96 27.46
CA ARG B 60 15.99 -15.42 26.26
C ARG B 60 16.63 -16.53 25.44
N PHE B 61 16.35 -16.53 24.14
CA PHE B 61 16.98 -17.47 23.25
C PHE B 61 18.50 -17.27 23.23
N SER B 62 19.21 -18.37 23.02
CA SER B 62 20.66 -18.39 23.01
C SER B 62 21.21 -17.37 22.02
N GLY B 63 21.87 -16.32 22.51
CA GLY B 63 22.41 -15.28 21.64
C GLY B 63 21.74 -13.93 21.72
N VAL B 64 20.63 -13.78 22.44
CA VAL B 64 19.86 -12.54 22.48
C VAL B 64 20.44 -11.58 23.53
N PRO B 65 20.56 -10.29 23.24
CA PRO B 65 21.20 -9.39 24.21
C PRO B 65 20.53 -9.33 25.57
N ASP B 66 21.33 -9.02 26.60
CA ASP B 66 20.84 -9.02 27.98
C ASP B 66 19.78 -7.96 28.20
N ARG B 67 19.79 -6.90 27.39
CA ARG B 67 18.85 -5.80 27.60
C ARG B 67 17.39 -6.18 27.32
N PHE B 68 17.13 -7.34 26.73
CA PHE B 68 15.77 -7.81 26.48
C PHE B 68 15.32 -8.71 27.63
N SER B 69 14.17 -8.38 28.22
CA SER B 69 13.57 -9.24 29.25
C SER B 69 12.07 -9.35 29.01
N GLY B 70 11.51 -10.51 29.26
CA GLY B 70 10.08 -10.74 29.09
C GLY B 70 9.47 -11.13 30.41
N SER B 71 8.20 -10.75 30.61
CA SER B 71 7.52 -11.05 31.86
C SER B 71 6.02 -11.10 31.63
N GLY B 72 5.29 -11.52 32.67
CA GLY B 72 3.84 -11.56 32.71
C GLY B 72 3.32 -12.93 33.10
N SER B 73 2.00 -13.09 32.93
CA SER B 73 1.29 -14.34 33.28
C SER B 73 -0.13 -14.30 32.74
N GLY B 74 -0.71 -15.47 32.49
CA GLY B 74 -2.11 -15.58 32.04
C GLY B 74 -2.43 -14.87 30.74
N THR B 75 -2.94 -13.65 30.84
CA THR B 75 -3.36 -12.88 29.65
C THR B 75 -2.46 -11.67 29.45
N ASP B 76 -1.62 -11.31 30.40
CA ASP B 76 -0.91 -10.02 30.31
C ASP B 76 0.59 -10.23 30.36
N PHE B 77 1.28 -9.75 29.32
CA PHE B 77 2.71 -9.94 29.20
C PHE B 77 3.37 -8.66 28.70
N THR B 78 4.60 -8.43 29.13
CA THR B 78 5.38 -7.26 28.71
C THR B 78 6.74 -7.72 28.22
N LEU B 79 7.21 -7.06 27.17
CA LEU B 79 8.59 -7.12 26.73
C LEU B 79 9.25 -5.80 27.10
N LYS B 80 10.44 -5.87 27.69
CA LYS B 80 11.16 -4.68 28.06
C LYS B 80 12.54 -4.66 27.42
N ILE B 81 12.94 -3.48 26.97
CA ILE B 81 14.27 -3.20 26.43
C ILE B 81 14.92 -2.15 27.29
N ASN B 82 16.08 -2.49 27.86
CA ASN B 82 16.84 -1.50 28.68
C ASN B 82 17.90 -0.82 27.79
N ARG B 83 17.70 0.45 27.50
CA ARG B 83 18.67 1.24 26.69
C ARG B 83 18.55 0.84 25.21
N VAL B 84 17.54 1.34 24.50
CA VAL B 84 17.33 0.94 23.12
C VAL B 84 18.51 1.37 22.25
N GLU B 85 18.97 0.46 21.39
CA GLU B 85 20.00 0.76 20.40
C GLU B 85 19.45 0.65 18.98
N ALA B 86 20.21 1.19 18.03
CA ALA B 86 19.72 1.34 16.65
C ALA B 86 19.36 0.00 16.03
N GLU B 87 20.13 -1.04 16.32
CA GLU B 87 19.78 -2.35 15.78
C GLU B 87 18.57 -2.98 16.47
N ASP B 88 18.01 -2.35 17.49
CA ASP B 88 16.77 -2.89 18.06
C ASP B 88 15.54 -2.36 17.35
N LEU B 89 15.67 -1.39 16.45
CA LEU B 89 14.49 -0.86 15.78
C LEU B 89 13.85 -1.92 14.89
N GLY B 90 12.54 -1.90 14.78
CA GLY B 90 11.87 -2.90 13.97
C GLY B 90 10.50 -3.27 14.53
N VAL B 91 9.96 -4.39 14.07
CA VAL B 91 8.59 -4.75 14.43
C VAL B 91 8.64 -5.93 15.38
N TYR B 92 8.12 -5.72 16.58
CA TYR B 92 8.07 -6.75 17.61
C TYR B 92 6.70 -7.42 17.54
N PHE B 93 6.69 -8.75 17.44
CA PHE B 93 5.45 -9.52 17.47
C PHE B 93 5.44 -10.44 18.68
N CYS B 94 4.28 -10.57 19.30
CA CYS B 94 4.08 -11.62 20.28
C CYS B 94 3.32 -12.76 19.62
N SER B 95 3.47 -13.95 20.19
CA SER B 95 2.82 -15.13 19.65
C SER B 95 2.50 -16.08 20.77
N GLN B 96 1.47 -16.91 20.56
CA GLN B 96 1.07 -17.92 21.53
C GLN B 96 0.90 -19.26 20.81
N SER B 97 1.40 -20.31 21.45
CA SER B 97 1.19 -21.67 20.98
C SER B 97 0.59 -22.56 22.07
N THR B 98 -0.01 -21.95 23.10
CA THR B 98 -0.80 -22.73 24.04
C THR B 98 -2.03 -23.30 23.35
N HIS B 99 -2.61 -22.53 22.42
CA HIS B 99 -3.88 -22.84 21.80
C HIS B 99 -3.70 -23.02 20.29
N VAL B 100 -4.48 -23.93 19.72
CA VAL B 100 -4.55 -24.14 18.28
C VAL B 100 -5.76 -23.37 17.75
N PRO B 101 -5.61 -22.55 16.69
CA PRO B 101 -4.39 -22.31 15.91
C PRO B 101 -3.41 -21.37 16.61
N LEU B 102 -2.14 -21.60 16.33
CA LEU B 102 -1.09 -20.65 16.70
C LEU B 102 -1.42 -19.27 16.14
N THR B 103 -1.26 -18.24 16.97
CA THR B 103 -1.63 -16.89 16.58
C THR B 103 -0.56 -15.88 16.98
N PHE B 104 -0.57 -14.74 16.28
CA PHE B 104 0.38 -13.65 16.44
C PHE B 104 -0.35 -12.37 16.79
N GLY B 105 0.34 -11.45 17.46
CA GLY B 105 -0.13 -10.09 17.57
C GLY B 105 0.06 -9.32 16.27
N ALA B 106 -0.67 -8.20 16.15
CA ALA B 106 -0.59 -7.45 14.91
C ALA B 106 0.76 -6.79 14.73
N GLY B 107 1.52 -6.61 15.79
CA GLY B 107 2.87 -6.09 15.69
C GLY B 107 2.96 -4.71 16.32
N THR B 108 4.12 -4.43 16.90
CA THR B 108 4.43 -3.11 17.46
C THR B 108 5.69 -2.60 16.79
N LYS B 109 5.60 -1.47 16.06
CA LYS B 109 6.75 -0.92 15.36
C LYS B 109 7.52 -0.02 16.31
N LEU B 110 8.80 -0.31 16.49
CA LEU B 110 9.70 0.51 17.31
C LEU B 110 10.56 1.35 16.38
N GLU B 111 10.39 2.67 16.46
CA GLU B 111 10.99 3.61 15.52
C GLU B 111 11.51 4.86 16.23
N LEU B 112 12.12 5.73 15.44
CA LEU B 112 12.73 6.95 15.94
C LEU B 112 11.74 8.10 15.85
N LYS B 113 11.61 8.87 16.93
CA LYS B 113 10.82 10.09 16.87
C LYS B 113 11.41 11.04 15.84
N ARG B 114 12.67 11.43 16.06
CA ARG B 114 13.43 12.24 15.10
C ARG B 114 14.91 12.06 15.42
N GLY B 115 15.63 11.33 14.57
CA GLY B 115 16.90 10.75 14.94
C GLY B 115 18.14 11.47 14.44
N SER B 116 19.29 10.90 14.81
CA SER B 116 20.63 11.35 14.46
C SER B 116 21.65 10.44 15.12
N PHE B 120 22.94 12.67 18.09
CA PHE B 120 24.18 12.27 18.73
C PHE B 120 24.90 11.22 17.88
N LEU B 121 24.93 11.45 16.56
CA LEU B 121 25.46 10.46 15.64
C LEU B 121 26.96 10.28 15.81
N LYS B 122 27.69 11.37 16.02
CA LYS B 122 29.13 11.29 16.14
C LYS B 122 29.55 10.49 17.36
N SER B 123 28.66 10.34 18.33
CA SER B 123 28.90 9.53 19.51
C SER B 123 28.68 8.03 19.29
N TRP B 124 28.17 7.61 18.13
CA TRP B 124 28.06 6.18 17.84
C TRP B 124 29.45 5.61 17.58
N THR B 125 29.60 4.32 17.83
CA THR B 125 30.84 3.66 17.45
C THR B 125 30.83 3.36 15.96
N VAL B 126 32.03 3.04 15.43
CA VAL B 126 32.15 2.69 14.02
C VAL B 126 31.27 1.49 13.70
N GLU B 127 31.30 0.48 14.58
CA GLU B 127 30.49 -0.71 14.39
C GLU B 127 29.04 -0.36 14.19
N ASP B 128 28.45 0.33 15.17
CA ASP B 128 27.04 0.70 15.09
C ASP B 128 26.71 1.50 13.83
N LEU B 129 27.58 2.43 13.43
CA LEU B 129 27.36 3.18 12.20
C LEU B 129 27.30 2.26 10.97
N GLN B 130 28.25 1.34 10.87
CA GLN B 130 28.27 0.46 9.69
C GLN B 130 27.19 -0.62 9.76
N LYS B 131 26.93 -1.14 10.97
CA LYS B 131 25.78 -2.01 11.19
C LYS B 131 24.49 -1.35 10.71
N ARG B 132 24.30 -0.05 10.99
CA ARG B 132 23.09 0.63 10.56
C ARG B 132 23.01 0.72 9.03
N LEU B 133 24.13 1.00 8.36
CA LEU B 133 24.12 0.98 6.89
C LEU B 133 23.69 -0.40 6.36
N LEU B 134 24.25 -1.45 6.95
CA LEU B 134 23.86 -2.78 6.54
C LEU B 134 22.37 -3.00 6.78
N ALA B 135 21.82 -2.39 7.85
CA ALA B 135 20.39 -2.55 8.13
C ALA B 135 19.50 -1.88 7.07
N LEU B 136 19.97 -0.82 6.43
CA LEU B 136 19.16 -0.19 5.38
C LEU B 136 19.19 -0.97 4.05
N ASP B 137 20.19 -1.83 3.84
CA ASP B 137 20.28 -2.51 2.55
C ASP B 137 19.07 -3.42 2.21
N PRO B 138 18.61 -4.31 3.10
CA PRO B 138 17.35 -5.04 2.80
C PRO B 138 16.12 -4.16 2.74
N MET B 139 16.12 -3.01 3.42
CA MET B 139 15.00 -2.08 3.26
C MET B 139 14.94 -1.56 1.83
N MET B 140 16.09 -1.35 1.21
CA MET B 140 16.14 -0.90 -0.18
C MET B 140 15.84 -2.05 -1.15
N GLU B 141 16.27 -3.27 -0.79
CA GLU B 141 16.01 -4.42 -1.66
C GLU B 141 14.52 -4.75 -1.72
N GLN B 142 13.82 -4.69 -0.60
CA GLN B 142 12.38 -4.97 -0.59
C GLN B 142 11.63 -3.98 -1.49
N GLU B 143 12.00 -2.70 -1.42
CA GLU B 143 11.30 -1.65 -2.17
C GLU B 143 11.59 -1.74 -3.67
N ILE B 144 12.83 -2.06 -4.02
CA ILE B 144 13.19 -2.25 -5.42
C ILE B 144 12.58 -3.54 -5.97
N GLU B 145 12.64 -4.63 -5.20
CA GLU B 145 11.97 -5.87 -5.58
C GLU B 145 10.50 -5.60 -5.88
N GLU B 146 9.87 -4.76 -5.07
CA GLU B 146 8.48 -4.40 -5.27
C GLU B 146 8.27 -3.73 -6.63
N ILE B 147 9.13 -2.76 -6.97
CA ILE B 147 8.99 -2.14 -8.30
C ILE B 147 9.21 -3.17 -9.42
N ARG B 148 10.24 -4.01 -9.28
CA ARG B 148 10.58 -5.02 -10.29
C ARG B 148 9.41 -5.96 -10.54
N GLN B 149 8.78 -6.45 -9.47
CA GLN B 149 7.61 -7.31 -9.65
C GLN B 149 6.39 -6.53 -10.15
N LYS B 150 6.27 -5.23 -9.80
CA LYS B 150 5.20 -4.43 -10.36
C LYS B 150 5.31 -4.35 -11.88
N TYR B 151 6.51 -4.06 -12.38
CA TYR B 151 6.69 -3.94 -13.81
C TYR B 151 6.65 -5.29 -14.51
N GLN B 152 6.97 -6.36 -13.79
CA GLN B 152 6.75 -7.70 -14.33
C GLN B 152 5.27 -7.89 -14.71
N CYS B 153 4.37 -7.52 -13.79
CA CYS B 153 2.93 -7.56 -14.12
C CYS B 153 2.57 -6.64 -15.29
N LYS B 154 3.15 -5.44 -15.37
CA LYS B 154 2.82 -4.57 -16.50
C LYS B 154 3.26 -5.15 -17.85
N ARG B 155 4.35 -5.93 -17.86
CA ARG B 155 4.83 -6.54 -19.10
C ARG B 155 3.93 -7.67 -19.55
N GLN B 156 3.37 -8.45 -18.61
CA GLN B 156 2.72 -9.70 -18.99
C GLN B 156 1.59 -9.60 -20.02
N PRO B 157 0.56 -8.75 -19.84
CA PRO B 157 -0.51 -8.74 -20.86
C PRO B 157 -0.02 -8.27 -22.21
N ILE B 158 0.96 -7.38 -22.23
CA ILE B 158 1.53 -6.90 -23.48
C ILE B 158 2.31 -8.02 -24.19
N LEU B 159 3.11 -8.79 -23.45
CA LEU B 159 3.78 -9.95 -24.05
C LEU B 159 2.77 -11.02 -24.48
N ASP B 160 1.68 -11.18 -23.72
CA ASP B 160 0.61 -12.10 -24.10
C ASP B 160 -0.04 -11.66 -25.40
N ALA B 161 -0.25 -10.35 -25.56
CA ALA B 161 -0.88 -9.85 -26.77
C ALA B 161 0.04 -10.01 -27.96
N ILE B 162 1.35 -9.80 -27.76
CA ILE B 162 2.30 -9.96 -28.85
C ILE B 162 2.25 -11.40 -29.38
N GLU B 163 2.36 -12.39 -28.48
CA GLU B 163 2.39 -13.78 -28.95
C GLU B 163 1.13 -14.15 -29.71
N ALA B 164 0.01 -13.52 -29.40
CA ALA B 164 -1.27 -13.89 -30.00
C ALA B 164 -1.60 -13.08 -31.24
N LYS B 165 -0.66 -12.26 -31.72
CA LYS B 165 -0.92 -11.48 -32.91
C LYS B 165 -0.11 -12.01 -34.09
N GLU C 4 -22.71 28.47 -7.00
CA GLU C 4 -21.47 27.77 -7.30
C GLU C 4 -21.68 26.42 -7.94
N VAL C 5 -20.85 26.14 -8.95
CA VAL C 5 -20.84 24.82 -9.55
C VAL C 5 -20.35 23.81 -8.53
N GLN C 6 -21.09 22.71 -8.40
CA GLN C 6 -20.67 21.64 -7.51
C GLN C 6 -21.11 20.31 -8.11
N LEU C 7 -20.19 19.34 -8.06
CA LEU C 7 -20.45 17.96 -8.45
C LEU C 7 -20.42 17.11 -7.19
N GLN C 8 -21.59 16.71 -6.72
CA GLN C 8 -21.72 16.06 -5.42
C GLN C 8 -21.94 14.57 -5.68
N GLN C 9 -20.95 13.76 -5.33
CA GLN C 9 -21.00 12.34 -5.63
C GLN C 9 -21.46 11.54 -4.41
N SER C 10 -22.03 10.37 -4.69
CA SER C 10 -22.60 9.54 -3.65
C SER C 10 -21.51 8.89 -2.81
N GLY C 11 -21.89 8.45 -1.61
CA GLY C 11 -20.94 8.03 -0.61
C GLY C 11 -20.23 6.73 -0.95
N PRO C 12 -19.30 6.33 -0.09
CA PRO C 12 -18.47 5.16 -0.39
C PRO C 12 -19.28 3.88 -0.40
N GLU C 13 -18.82 2.93 -1.21
CA GLU C 13 -19.51 1.67 -1.48
C GLU C 13 -18.64 0.50 -1.07
N LEU C 14 -19.30 -0.55 -0.59
CA LEU C 14 -18.65 -1.79 -0.18
C LEU C 14 -19.29 -2.93 -0.94
N VAL C 15 -18.51 -3.62 -1.76
CA VAL C 15 -19.07 -4.55 -2.73
C VAL C 15 -18.41 -5.92 -2.61
N LYS C 16 -19.23 -6.97 -2.62
CA LYS C 16 -18.72 -8.31 -2.80
C LYS C 16 -18.39 -8.51 -4.28
N PRO C 17 -17.31 -9.20 -4.61
CA PRO C 17 -16.88 -9.31 -6.00
C PRO C 17 -17.91 -9.98 -6.89
N GLY C 18 -17.91 -9.59 -8.16
CA GLY C 18 -18.86 -10.11 -9.13
C GLY C 18 -20.21 -9.43 -9.14
N ALA C 19 -20.47 -8.53 -8.19
CA ALA C 19 -21.72 -7.79 -8.10
C ALA C 19 -21.69 -6.56 -9.00
N SER C 20 -22.75 -5.75 -8.93
CA SER C 20 -22.83 -4.46 -9.60
C SER C 20 -22.88 -3.36 -8.56
N VAL C 21 -22.41 -2.17 -8.95
CA VAL C 21 -22.52 -0.99 -8.11
C VAL C 21 -22.86 0.20 -8.99
N LYS C 22 -23.80 1.03 -8.55
CA LYS C 22 -24.17 2.24 -9.26
C LYS C 22 -23.93 3.44 -8.36
N MET C 23 -23.16 4.40 -8.85
CA MET C 23 -22.91 5.65 -8.16
C MET C 23 -23.50 6.79 -8.97
N SER C 24 -23.66 7.93 -8.31
CA SER C 24 -24.33 9.09 -8.87
C SER C 24 -23.45 10.33 -8.70
N CYS C 25 -23.67 11.30 -9.59
CA CYS C 25 -22.91 12.54 -9.66
C CYS C 25 -23.94 13.65 -9.89
N LYS C 26 -24.30 14.35 -8.81
CA LYS C 26 -25.40 15.30 -8.80
C LYS C 26 -24.85 16.68 -9.09
N ALA C 27 -25.21 17.23 -10.24
CA ALA C 27 -24.71 18.53 -10.65
C ALA C 27 -25.67 19.63 -10.22
N SER C 28 -25.10 20.72 -9.69
CA SER C 28 -25.87 21.90 -9.36
C SER C 28 -25.03 23.12 -9.71
N GLY C 29 -25.72 24.23 -10.00
CA GLY C 29 -25.06 25.49 -10.31
C GLY C 29 -24.75 25.76 -11.78
N TYR C 30 -25.32 25.02 -12.71
CA TYR C 30 -25.13 25.26 -14.13
C TYR C 30 -26.17 24.45 -14.89
N THR C 31 -26.27 24.68 -16.19
CA THR C 31 -27.21 23.95 -17.03
C THR C 31 -26.66 22.55 -17.30
N PHE C 32 -27.28 21.53 -16.68
CA PHE C 32 -26.78 20.14 -16.75
C PHE C 32 -26.53 19.71 -18.19
N THR C 33 -27.45 20.04 -19.10
CA THR C 33 -27.33 19.51 -20.46
C THR C 33 -26.26 20.21 -21.29
N SER C 34 -25.75 21.35 -20.82
CA SER C 34 -24.86 22.12 -21.67
C SER C 34 -23.44 21.57 -21.71
N TYR C 35 -23.07 20.68 -20.79
CA TYR C 35 -21.70 20.22 -20.69
C TYR C 35 -21.66 18.70 -20.56
N VAL C 36 -20.68 18.11 -21.23
CA VAL C 36 -20.47 16.67 -21.18
C VAL C 36 -19.82 16.29 -19.85
N MET C 37 -20.30 15.21 -19.24
CA MET C 37 -19.81 14.74 -17.95
C MET C 37 -18.90 13.53 -18.18
N HIS C 38 -17.68 13.58 -17.67
CA HIS C 38 -16.73 12.48 -17.77
C HIS C 38 -16.57 11.76 -16.44
N TRP C 39 -16.03 10.54 -16.51
CA TRP C 39 -15.72 9.74 -15.33
C TRP C 39 -14.28 9.26 -15.42
N VAL C 40 -13.60 9.23 -14.27
CA VAL C 40 -12.17 8.92 -14.20
C VAL C 40 -11.90 8.03 -12.99
N LYS C 41 -10.96 7.08 -13.12
CA LYS C 41 -10.57 6.15 -12.06
C LYS C 41 -9.17 6.45 -11.52
N GLN C 42 -9.02 6.37 -10.19
CA GLN C 42 -7.71 6.57 -9.54
C GLN C 42 -7.52 5.54 -8.42
N LYS C 43 -6.74 4.51 -8.69
CA LYS C 43 -6.22 3.68 -7.62
C LYS C 43 -5.04 4.42 -6.97
N PRO C 44 -4.96 4.43 -5.64
CA PRO C 44 -3.97 5.29 -4.96
C PRO C 44 -2.54 4.91 -5.36
N GLY C 45 -1.75 5.92 -5.72
CA GLY C 45 -0.41 5.66 -6.17
C GLY C 45 -0.32 5.17 -7.60
N GLN C 46 -1.43 5.18 -8.32
CA GLN C 46 -1.47 4.87 -9.74
C GLN C 46 -1.98 6.11 -10.44
N GLY C 47 -1.80 6.16 -11.75
CA GLY C 47 -2.22 7.34 -12.47
C GLY C 47 -3.69 7.30 -12.77
N LEU C 48 -4.25 8.43 -13.17
CA LEU C 48 -5.67 8.47 -13.47
C LEU C 48 -5.92 7.86 -14.83
N GLU C 49 -6.97 7.06 -14.93
CA GLU C 49 -7.45 6.53 -16.20
C GLU C 49 -8.83 7.11 -16.53
N TRP C 50 -8.98 7.53 -17.78
CA TRP C 50 -10.25 8.01 -18.32
C TRP C 50 -11.17 6.83 -18.62
N ILE C 51 -12.37 6.86 -18.06
CA ILE C 51 -13.37 5.80 -18.26
C ILE C 51 -14.25 6.08 -19.47
N GLY C 52 -14.89 7.23 -19.51
CA GLY C 52 -15.75 7.61 -20.62
C GLY C 52 -16.51 8.87 -20.29
N TYR C 53 -17.47 9.20 -21.16
CA TYR C 53 -18.33 10.35 -20.89
C TYR C 53 -19.76 10.03 -21.30
N ILE C 54 -20.68 10.83 -20.74
CA ILE C 54 -22.07 10.93 -21.17
C ILE C 54 -22.36 12.39 -21.51
N ASN C 55 -23.05 12.59 -22.64
CA ASN C 55 -23.49 13.90 -23.08
C ASN C 55 -24.95 14.05 -22.69
N PRO C 56 -25.27 14.79 -21.62
CA PRO C 56 -26.66 14.84 -21.16
C PRO C 56 -27.60 15.49 -22.14
N HIS C 57 -27.07 16.29 -23.07
CA HIS C 57 -27.92 16.96 -24.05
C HIS C 57 -28.55 15.98 -25.03
N ASN C 58 -27.89 14.85 -25.29
CA ASN C 58 -28.45 13.87 -26.22
C ASN C 58 -28.29 12.43 -25.76
N ASP C 59 -27.84 12.19 -24.53
CA ASP C 59 -27.68 10.87 -23.92
C ASP C 59 -26.64 10.00 -24.63
N GLY C 60 -25.87 10.59 -25.55
CA GLY C 60 -24.82 9.85 -26.22
C GLY C 60 -23.58 9.67 -25.36
N THR C 61 -22.89 8.56 -25.57
CA THR C 61 -21.78 8.15 -24.72
C THR C 61 -20.59 7.74 -25.57
N LYS C 62 -19.43 7.76 -24.90
CA LYS C 62 -18.25 7.10 -25.46
C LYS C 62 -17.53 6.42 -24.31
N TYR C 63 -16.84 5.31 -24.62
CA TYR C 63 -16.15 4.55 -23.59
C TYR C 63 -14.70 4.33 -23.99
N ASN C 64 -13.80 4.50 -23.03
CA ASN C 64 -12.47 3.95 -23.16
C ASN C 64 -12.60 2.47 -23.49
N GLU C 65 -11.89 2.04 -24.52
CA GLU C 65 -11.95 0.62 -24.89
C GLU C 65 -11.57 -0.26 -23.72
N LYS C 66 -10.71 0.25 -22.82
CA LYS C 66 -10.29 -0.53 -21.66
C LYS C 66 -11.44 -0.76 -20.69
N PHE C 67 -12.47 0.10 -20.73
CA PHE C 67 -13.61 -0.04 -19.84
C PHE C 67 -14.88 -0.36 -20.59
N LYS C 68 -14.81 -0.54 -21.91
CA LYS C 68 -15.94 -1.08 -22.65
C LYS C 68 -16.30 -2.44 -22.04
N GLY C 69 -17.53 -2.60 -21.61
CA GLY C 69 -17.97 -3.80 -20.92
C GLY C 69 -17.93 -3.72 -19.40
N LYS C 70 -17.11 -2.85 -18.83
CA LYS C 70 -17.08 -2.68 -17.38
C LYS C 70 -18.02 -1.59 -16.84
N ALA C 71 -18.15 -0.46 -17.55
CA ALA C 71 -18.95 0.66 -17.09
C ALA C 71 -20.10 0.99 -18.03
N THR C 72 -21.20 1.45 -17.45
CA THR C 72 -22.32 1.98 -18.23
C THR C 72 -22.68 3.34 -17.67
N LEU C 73 -22.72 4.33 -18.56
CA LEU C 73 -22.96 5.72 -18.19
C LEU C 73 -24.39 6.08 -18.56
N THR C 74 -25.10 6.67 -17.59
CA THR C 74 -26.46 7.18 -17.85
C THR C 74 -26.57 8.56 -17.25
N SER C 75 -27.65 9.27 -17.61
CA SER C 75 -27.88 10.63 -17.13
C SER C 75 -29.37 10.88 -17.01
N ASP C 76 -29.73 11.87 -16.18
CA ASP C 76 -31.14 12.19 -15.97
C ASP C 76 -31.29 13.70 -15.82
N LYS C 77 -31.94 14.31 -16.83
CA LYS C 77 -32.11 15.76 -16.89
C LYS C 77 -32.87 16.29 -15.68
N SER C 78 -34.03 15.69 -15.38
CA SER C 78 -34.88 16.20 -14.31
C SER C 78 -34.17 16.17 -12.96
N SER C 79 -33.24 15.25 -12.79
CA SER C 79 -32.47 15.13 -11.56
C SER C 79 -31.14 15.87 -11.62
N SER C 80 -30.75 16.32 -12.81
CA SER C 80 -29.41 16.88 -13.06
C SER C 80 -28.33 15.93 -12.53
N THR C 81 -28.48 14.64 -12.83
CA THR C 81 -27.57 13.66 -12.23
C THR C 81 -27.03 12.67 -13.26
N ALA C 82 -25.70 12.50 -13.28
CA ALA C 82 -25.05 11.45 -14.07
C ALA C 82 -24.78 10.23 -13.18
N TYR C 83 -24.89 9.05 -13.76
CA TYR C 83 -24.62 7.80 -13.05
C TYR C 83 -23.57 6.97 -13.76
N MET C 84 -22.84 6.19 -12.96
CA MET C 84 -21.98 5.09 -13.39
C MET C 84 -22.38 3.78 -12.73
N GLU C 85 -22.59 2.74 -13.54
CA GLU C 85 -22.67 1.39 -13.01
C GLU C 85 -21.42 0.65 -13.41
N LEU C 86 -20.76 0.03 -12.43
CA LEU C 86 -19.67 -0.90 -12.65
C LEU C 86 -20.19 -2.31 -12.45
N SER C 87 -19.87 -3.19 -13.39
CA SER C 87 -20.37 -4.54 -13.41
C SER C 87 -19.30 -5.53 -12.97
N SER C 88 -19.73 -6.57 -12.27
CA SER C 88 -18.92 -7.74 -11.95
C SER C 88 -17.54 -7.36 -11.40
N LEU C 89 -17.56 -6.67 -10.26
CA LEU C 89 -16.33 -6.13 -9.72
C LEU C 89 -15.39 -7.25 -9.28
N THR C 90 -14.11 -7.03 -9.54
CA THR C 90 -13.02 -7.83 -9.03
C THR C 90 -12.28 -6.92 -8.08
N SER C 91 -11.24 -7.44 -7.43
CA SER C 91 -10.44 -6.60 -6.56
C SER C 91 -9.81 -5.44 -7.32
N GLU C 92 -9.54 -5.63 -8.61
CA GLU C 92 -8.92 -4.61 -9.45
C GLU C 92 -9.80 -3.38 -9.65
N ASP C 93 -11.07 -3.44 -9.29
CA ASP C 93 -11.98 -2.30 -9.39
C ASP C 93 -11.99 -1.42 -8.14
N SER C 94 -11.23 -1.79 -7.11
CA SER C 94 -11.14 -0.98 -5.90
C SER C 94 -10.41 0.33 -6.18
N ALA C 95 -11.13 1.46 -6.09
CA ALA C 95 -10.55 2.71 -6.58
C ALA C 95 -11.42 3.88 -6.17
N VAL C 96 -10.89 5.09 -6.39
CA VAL C 96 -11.68 6.32 -6.30
C VAL C 96 -12.18 6.65 -7.70
N TYR C 97 -13.46 6.94 -7.80
CA TYR C 97 -14.06 7.32 -9.07
C TYR C 97 -14.58 8.74 -8.99
N TYR C 98 -14.15 9.58 -9.93
CA TYR C 98 -14.55 10.97 -9.98
C TYR C 98 -15.47 11.15 -11.17
N CYS C 99 -16.42 12.06 -11.03
CA CYS C 99 -17.04 12.67 -12.18
C CYS C 99 -16.46 14.07 -12.34
N ALA C 100 -16.39 14.52 -13.58
CA ALA C 100 -15.77 15.81 -13.86
C ALA C 100 -16.38 16.43 -15.12
N ARG C 101 -16.68 17.71 -15.03
CA ARG C 101 -17.26 18.48 -16.16
C ARG C 101 -16.14 19.05 -17.03
N LYS C 102 -16.31 18.94 -18.33
CA LYS C 102 -15.20 19.38 -19.21
C LYS C 102 -15.58 20.53 -20.16
N LEU C 103 -14.62 21.40 -20.43
CA LEU C 103 -14.75 22.45 -21.46
C LEU C 103 -13.33 22.71 -21.97
N ARG C 104 -12.51 23.51 -21.27
CA ARG C 104 -11.10 23.70 -21.65
C ARG C 104 -10.37 22.48 -21.09
N GLY C 105 -10.74 22.06 -19.88
CA GLY C 105 -10.21 20.87 -19.29
C GLY C 105 -11.24 20.48 -18.26
N PHE C 106 -10.85 19.69 -17.27
CA PHE C 106 -11.75 19.37 -16.18
C PHE C 106 -11.59 20.49 -15.15
N ALA C 107 -12.42 21.52 -15.30
CA ALA C 107 -12.38 22.63 -14.36
C ALA C 107 -13.03 22.25 -13.05
N TYR C 108 -14.01 21.33 -13.11
CA TYR C 108 -14.83 20.97 -11.97
C TYR C 108 -14.81 19.46 -11.79
N TRP C 109 -14.58 19.04 -10.54
CA TRP C 109 -14.47 17.65 -10.16
C TRP C 109 -15.38 17.37 -8.96
N GLY C 110 -16.05 16.22 -9.00
CA GLY C 110 -16.67 15.70 -7.80
C GLY C 110 -15.62 15.31 -6.76
N GLN C 111 -16.10 15.01 -5.56
CA GLN C 111 -15.18 14.65 -4.48
C GLN C 111 -14.70 13.21 -4.57
N GLY C 112 -15.33 12.39 -5.41
CA GLY C 112 -14.94 11.00 -5.56
C GLY C 112 -15.81 10.05 -4.75
N THR C 113 -16.14 8.91 -5.35
CA THR C 113 -16.77 7.80 -4.65
C THR C 113 -15.69 6.74 -4.46
N LEU C 114 -15.52 6.27 -3.23
CA LEU C 114 -14.54 5.22 -2.95
C LEU C 114 -15.26 3.88 -3.00
N VAL C 115 -14.79 2.98 -3.87
CA VAL C 115 -15.36 1.65 -3.97
C VAL C 115 -14.35 0.65 -3.45
N THR C 116 -14.73 -0.06 -2.38
CA THR C 116 -13.92 -1.09 -1.76
C THR C 116 -14.57 -2.45 -2.00
N VAL C 117 -13.85 -3.32 -2.68
CA VAL C 117 -14.29 -4.69 -2.95
C VAL C 117 -13.75 -5.59 -1.85
N CYS C 118 -14.64 -6.30 -1.17
CA CYS C 118 -14.23 -7.16 -0.06
C CYS C 118 -13.68 -8.46 -0.62
N SER C 119 -13.49 -9.43 0.26
CA SER C 119 -12.98 -10.72 -0.12
C SER C 119 -14.06 -11.66 -0.55
N SER C 121 -14.71 -14.47 1.61
CA SER C 121 -14.04 -15.80 1.59
C SER C 121 -13.96 -16.35 3.02
N ASP C 122 -14.20 -15.51 4.03
CA ASP C 122 -14.03 -15.93 5.45
C ASP C 122 -15.25 -16.73 5.95
N TYR C 123 -16.41 -16.53 5.34
CA TYR C 123 -17.64 -17.21 5.82
C TYR C 123 -17.42 -18.71 5.76
N GLU C 124 -16.62 -19.15 4.81
CA GLU C 124 -16.41 -20.56 4.61
C GLU C 124 -16.19 -21.28 5.92
N PHE C 125 -15.14 -20.93 6.67
CA PHE C 125 -14.88 -21.57 7.95
C PHE C 125 -15.69 -20.98 9.11
N LEU C 126 -16.24 -19.76 8.97
CA LEU C 126 -16.97 -19.12 10.07
C LEU C 126 -18.35 -19.71 10.32
N LYS C 127 -18.90 -20.51 9.40
CA LYS C 127 -20.20 -21.12 9.66
C LYS C 127 -20.15 -22.14 10.79
N SER C 128 -18.98 -22.68 11.11
CA SER C 128 -18.78 -23.66 12.18
C SER C 128 -18.69 -23.05 13.58
N TRP C 129 -18.69 -21.72 13.71
CA TRP C 129 -18.60 -21.08 15.02
C TRP C 129 -19.94 -21.04 15.73
N THR C 130 -19.87 -20.89 17.05
CA THR C 130 -21.10 -20.67 17.87
C THR C 130 -21.51 -19.20 17.76
N VAL C 131 -22.79 -18.90 17.94
CA VAL C 131 -23.29 -17.51 17.76
C VAL C 131 -22.61 -16.61 18.79
N GLU C 132 -22.40 -17.13 19.99
CA GLU C 132 -21.70 -16.36 21.03
C GLU C 132 -20.26 -16.10 20.59
N ASP C 133 -19.60 -17.11 20.04
CA ASP C 133 -18.21 -16.95 19.57
C ASP C 133 -18.23 -15.86 18.51
N LEU C 134 -19.19 -15.94 17.61
CA LEU C 134 -19.30 -14.92 16.57
C LEU C 134 -19.55 -13.52 17.16
N GLN C 135 -20.58 -13.39 18.00
CA GLN C 135 -20.98 -12.07 18.51
C GLN C 135 -19.90 -11.46 19.40
N LYS C 136 -19.16 -12.31 20.12
CA LYS C 136 -18.01 -11.84 20.89
C LYS C 136 -16.91 -11.31 19.97
N ARG C 137 -16.66 -11.99 18.83
CA ARG C 137 -15.60 -11.54 17.93
C ARG C 137 -15.99 -10.27 17.15
N LEU C 138 -17.25 -10.23 16.69
CA LEU C 138 -17.78 -9.06 16.01
C LEU C 138 -17.61 -7.83 16.88
N LEU C 139 -17.84 -7.97 18.19
CA LEU C 139 -17.61 -6.82 19.04
C LEU C 139 -16.12 -6.51 19.21
N ALA C 140 -15.26 -7.54 19.25
CA ALA C 140 -13.84 -7.27 19.41
C ALA C 140 -13.22 -6.50 18.25
N LEU C 141 -13.90 -6.40 17.10
CA LEU C 141 -13.36 -5.54 16.04
C LEU C 141 -13.41 -4.04 16.33
N ASP C 142 -14.40 -3.56 17.10
CA ASP C 142 -14.47 -2.13 17.38
C ASP C 142 -13.26 -1.63 18.19
N PRO C 143 -12.80 -2.32 19.24
CA PRO C 143 -11.55 -1.88 19.87
C PRO C 143 -10.34 -2.00 18.95
N MET C 144 -10.33 -3.00 18.07
CA MET C 144 -9.23 -3.13 17.11
C MET C 144 -9.23 -1.99 16.10
N MET C 145 -10.43 -1.60 15.65
CA MET C 145 -10.50 -0.45 14.74
C MET C 145 -10.06 0.84 15.42
N GLU C 146 -10.58 1.11 16.64
CA GLU C 146 -10.22 2.35 17.33
C GLU C 146 -8.72 2.45 17.57
N GLN C 147 -8.08 1.32 17.90
CA GLN C 147 -6.63 1.32 18.09
C GLN C 147 -5.89 1.68 16.79
N GLU C 148 -6.32 1.11 15.65
CA GLU C 148 -5.70 1.50 14.38
C GLU C 148 -5.91 2.98 14.05
N ILE C 149 -7.14 3.48 14.23
CA ILE C 149 -7.42 4.88 13.94
C ILE C 149 -6.59 5.79 14.84
N GLU C 150 -6.43 5.41 16.11
CA GLU C 150 -5.65 6.24 17.02
C GLU C 150 -4.18 6.26 16.63
N GLU C 151 -3.68 5.17 16.02
CA GLU C 151 -2.35 5.23 15.41
C GLU C 151 -2.28 6.30 14.34
N ILE C 152 -3.28 6.35 13.46
CA ILE C 152 -3.32 7.37 12.41
C ILE C 152 -3.35 8.78 13.03
N ARG C 153 -4.27 8.97 13.99
CA ARG C 153 -4.41 10.25 14.68
C ARG C 153 -3.09 10.69 15.30
N GLN C 154 -2.39 9.77 15.93
CA GLN C 154 -1.12 10.14 16.56
C GLN C 154 -0.05 10.46 15.51
N LYS C 155 0.03 9.65 14.44
CA LYS C 155 0.96 9.94 13.34
C LYS C 155 0.80 11.37 12.84
N TYR C 156 -0.44 11.81 12.72
CA TYR C 156 -0.68 13.15 12.20
C TYR C 156 -0.51 14.23 13.26
N GLN C 157 -0.83 13.96 14.53
CA GLN C 157 -0.48 14.90 15.58
C GLN C 157 1.03 15.16 15.58
N SER C 158 1.81 14.11 15.29
CA SER C 158 3.26 14.26 15.14
C SER C 158 3.60 15.24 14.03
N LYS C 159 2.93 15.10 12.88
CA LYS C 159 3.21 16.05 11.80
C LYS C 159 2.68 17.46 12.09
N ARG C 160 1.63 17.59 12.90
CA ARG C 160 1.08 18.91 13.20
C ARG C 160 1.97 19.67 14.16
N GLN C 161 2.59 18.97 15.12
CA GLN C 161 3.22 19.66 16.25
C GLN C 161 4.31 20.64 15.86
N PRO C 162 5.29 20.32 15.02
CA PRO C 162 6.28 21.34 14.65
C PRO C 162 5.64 22.55 14.00
N ILE C 163 4.60 22.33 13.21
CA ILE C 163 3.86 23.44 12.61
C ILE C 163 3.12 24.23 13.69
N LEU C 164 2.40 23.53 14.57
CA LEU C 164 1.71 24.23 15.65
C LEU C 164 2.68 24.98 16.54
N ASP C 165 3.87 24.43 16.77
CA ASP C 165 4.87 25.12 17.56
C ASP C 165 5.28 26.42 16.88
N ALA C 166 5.57 26.35 15.57
CA ALA C 166 5.92 27.58 14.87
C ALA C 166 4.81 28.63 15.00
N ILE C 167 3.55 28.20 14.97
CA ILE C 167 2.45 29.15 15.11
C ILE C 167 2.38 29.70 16.54
N GLU C 168 2.59 28.86 17.55
CA GLU C 168 2.54 29.30 18.94
C GLU C 168 3.84 30.04 19.29
N ALA C 169 3.72 31.19 19.94
CA ALA C 169 4.85 32.11 20.11
C ALA C 169 5.39 32.52 18.73
N LYS C 170 4.46 32.79 17.82
CA LYS C 170 4.83 33.27 16.50
C LYS C 170 5.23 34.73 16.64
N MET D 1 -3.33 1.91 -30.03
CA MET D 1 -2.25 2.37 -29.14
C MET D 1 -2.55 3.81 -28.71
N ASP D 2 -2.93 3.96 -27.47
CA ASP D 2 -3.23 5.26 -26.88
C ASP D 2 -1.92 5.92 -26.52
N VAL D 3 -1.98 7.23 -26.37
CA VAL D 3 -0.77 8.02 -26.19
C VAL D 3 -0.26 7.86 -24.77
N LEU D 4 1.01 7.46 -24.62
CA LEU D 4 1.63 7.31 -23.31
C LEU D 4 2.19 8.64 -22.84
N MET D 5 1.94 8.97 -21.58
CA MET D 5 2.36 10.25 -21.03
C MET D 5 3.34 9.97 -19.89
N THR D 6 4.58 10.44 -20.05
CA THR D 6 5.65 10.20 -19.08
C THR D 6 6.19 11.53 -18.56
N GLN D 7 6.47 11.57 -17.26
CA GLN D 7 6.93 12.80 -16.61
C GLN D 7 8.32 12.62 -15.98
N THR D 8 9.05 13.75 -15.86
CA THR D 8 10.38 13.80 -15.19
C THR D 8 10.47 15.08 -14.35
N PRO D 9 10.93 15.01 -13.09
CA PRO D 9 11.33 13.83 -12.33
C PRO D 9 10.12 13.21 -11.69
N LEU D 10 10.29 12.13 -10.91
CA LEU D 10 9.15 11.58 -10.20
C LEU D 10 8.94 12.30 -8.88
N SER D 11 10.01 12.83 -8.31
CA SER D 11 9.94 13.56 -7.05
C SER D 11 10.86 14.77 -7.15
N LEU D 12 10.42 15.92 -6.65
CA LEU D 12 11.23 17.12 -6.75
C LEU D 12 11.28 17.86 -5.42
N PRO D 13 12.38 17.76 -4.69
CA PRO D 13 12.52 18.53 -3.45
C PRO D 13 12.73 20.01 -3.76
N VAL D 14 12.05 20.87 -3.01
CA VAL D 14 12.25 22.31 -3.10
C VAL D 14 12.09 22.92 -1.72
N SER D 15 12.42 24.21 -1.62
CA SER D 15 12.07 25.07 -0.52
C SER D 15 11.30 26.25 -1.10
N LEU D 16 10.43 26.84 -0.29
CA LEU D 16 9.57 27.90 -0.79
C LEU D 16 10.36 29.10 -1.33
N GLY D 17 10.39 29.22 -2.66
CA GLY D 17 11.11 30.31 -3.31
C GLY D 17 11.92 29.93 -4.52
N ASP D 18 12.34 28.67 -4.61
CA ASP D 18 13.08 28.18 -5.75
C ASP D 18 12.21 28.12 -7.00
N GLN D 19 12.86 27.85 -8.13
CA GLN D 19 12.17 27.51 -9.37
C GLN D 19 11.96 26.01 -9.41
N ALA D 20 10.76 25.60 -9.81
CA ALA D 20 10.49 24.20 -10.06
C ALA D 20 10.20 23.99 -11.53
N SER D 21 10.68 22.87 -12.07
CA SER D 21 10.38 22.52 -13.45
C SER D 21 10.00 21.05 -13.52
N ILE D 22 8.89 20.78 -14.19
CA ILE D 22 8.35 19.45 -14.30
C ILE D 22 8.11 19.20 -15.78
N SER D 23 8.67 18.11 -16.28
CA SER D 23 8.67 17.83 -17.70
C SER D 23 7.61 16.78 -17.98
N CYS D 24 7.00 16.87 -19.16
CA CYS D 24 5.97 15.94 -19.60
C CYS D 24 6.25 15.65 -21.07
N ARG D 25 6.32 14.38 -21.41
CA ARG D 25 6.69 13.85 -22.71
C ARG D 25 5.58 12.92 -23.18
N SER D 26 5.22 13.01 -24.45
CA SER D 26 4.18 12.16 -25.01
C SER D 26 4.74 11.20 -26.06
N SER D 27 4.15 10.01 -26.15
CA SER D 27 4.62 9.02 -27.11
C SER D 27 4.28 9.41 -28.54
N GLN D 28 3.34 10.32 -28.71
CA GLN D 28 2.86 10.75 -30.01
C GLN D 28 2.66 12.26 -29.96
N SER D 29 2.88 12.94 -31.09
CA SER D 29 2.71 14.40 -31.10
C SER D 29 1.29 14.74 -30.69
N LEU D 30 1.16 15.79 -29.88
CA LEU D 30 -0.15 16.23 -29.42
C LEU D 30 -0.69 17.35 -30.27
N LEU D 31 0.05 17.77 -31.29
CA LEU D 31 -0.43 18.77 -32.24
C LEU D 31 -1.54 18.16 -33.08
N HIS D 32 -2.74 18.69 -32.93
CA HIS D 32 -3.92 18.26 -33.67
C HIS D 32 -3.88 18.79 -35.10
N SER D 33 -4.62 18.13 -35.99
CA SER D 33 -4.68 18.62 -37.36
C SER D 33 -5.35 19.99 -37.42
N ASN D 34 -6.28 20.27 -36.49
CA ASN D 34 -6.85 21.61 -36.46
C ASN D 34 -5.87 22.64 -35.95
N ARG D 35 -4.61 22.23 -35.75
CA ARG D 35 -3.45 23.05 -35.44
C ARG D 35 -3.40 23.45 -33.96
N ASN D 36 -4.36 23.03 -33.12
CA ASN D 36 -4.31 23.14 -31.67
C ASN D 36 -3.56 21.96 -31.05
N THR D 37 -3.05 22.17 -29.84
CA THR D 37 -2.36 21.12 -29.08
C THR D 37 -3.01 20.96 -27.69
N TYR D 38 -3.75 19.87 -27.49
CA TYR D 38 -4.57 19.72 -26.28
C TYR D 38 -3.79 18.99 -25.19
N LEU D 39 -2.91 19.74 -24.54
CA LEU D 39 -2.12 19.29 -23.40
C LEU D 39 -2.47 20.17 -22.20
N HIS D 40 -2.84 19.54 -21.07
CA HIS D 40 -3.24 20.26 -19.87
C HIS D 40 -2.42 19.78 -18.68
N TRP D 41 -2.32 20.67 -17.70
CA TRP D 41 -1.60 20.43 -16.45
C TRP D 41 -2.57 20.58 -15.29
N TYR D 42 -2.47 19.66 -14.31
CA TYR D 42 -3.26 19.62 -13.09
C TYR D 42 -2.38 19.53 -11.84
N LEU D 43 -2.95 19.98 -10.72
CA LEU D 43 -2.41 19.79 -9.38
C LEU D 43 -3.41 19.06 -8.49
N GLN D 44 -2.95 18.00 -7.82
CA GLN D 44 -3.77 17.27 -6.85
C GLN D 44 -3.02 17.19 -5.52
N LYS D 45 -3.54 17.89 -4.51
CA LYS D 45 -3.04 17.69 -3.16
C LYS D 45 -3.51 16.33 -2.64
N PRO D 46 -2.71 15.65 -1.83
CA PRO D 46 -3.12 14.31 -1.38
C PRO D 46 -4.38 14.40 -0.55
N GLY D 47 -5.33 13.51 -0.84
CA GLY D 47 -6.63 13.57 -0.19
C GLY D 47 -7.61 14.56 -0.77
N GLN D 48 -7.28 15.22 -1.87
CA GLN D 48 -8.18 16.16 -2.51
C GLN D 48 -8.43 15.80 -3.96
N SER D 49 -9.37 16.54 -4.55
CA SER D 49 -9.67 16.45 -5.97
C SER D 49 -8.62 17.24 -6.77
N PRO D 50 -8.35 16.83 -8.00
CA PRO D 50 -7.45 17.62 -8.87
C PRO D 50 -8.07 18.97 -9.24
N LYS D 51 -7.19 19.92 -9.56
CA LYS D 51 -7.58 21.25 -9.99
C LYS D 51 -6.83 21.64 -11.26
N LEU D 52 -7.54 22.28 -12.20
CA LEU D 52 -6.96 22.63 -13.49
C LEU D 52 -6.03 23.83 -13.36
N LEU D 53 -4.82 23.70 -13.88
CA LEU D 53 -3.84 24.78 -13.86
C LEU D 53 -3.68 25.39 -15.25
N ILE D 54 -3.32 24.57 -16.22
CA ILE D 54 -3.02 25.07 -17.56
C ILE D 54 -3.80 24.25 -18.57
N TYR D 55 -4.32 24.91 -19.61
CA TYR D 55 -4.92 24.20 -20.72
C TYR D 55 -4.24 24.62 -22.02
N LYS D 56 -4.36 23.78 -23.04
CA LYS D 56 -3.76 24.08 -24.36
C LYS D 56 -2.28 24.48 -24.19
N VAL D 57 -1.50 23.68 -23.46
CA VAL D 57 -0.02 23.90 -23.33
C VAL D 57 0.32 25.16 -22.53
N SER D 58 -0.13 26.35 -22.95
CA SER D 58 0.33 27.59 -22.27
C SER D 58 -0.80 28.55 -21.91
N ASN D 59 -2.01 28.07 -21.64
CA ASN D 59 -3.05 29.00 -21.21
C ASN D 59 -3.36 28.77 -19.73
N ARG D 60 -3.05 29.77 -18.91
CA ARG D 60 -3.38 29.70 -17.50
C ARG D 60 -4.89 29.72 -17.34
N PHE D 61 -5.42 28.73 -16.63
CA PHE D 61 -6.84 28.71 -16.35
C PHE D 61 -7.18 29.84 -15.37
N SER D 62 -8.35 30.44 -15.57
CA SER D 62 -8.79 31.57 -14.75
C SER D 62 -8.76 31.25 -13.27
N GLY D 63 -7.95 32.01 -12.52
CA GLY D 63 -7.82 31.86 -11.09
C GLY D 63 -6.48 31.31 -10.66
N VAL D 64 -5.76 30.68 -11.58
CA VAL D 64 -4.46 30.08 -11.25
C VAL D 64 -3.44 31.20 -11.14
N PRO D 65 -2.61 31.21 -10.09
CA PRO D 65 -1.63 32.30 -9.93
C PRO D 65 -0.64 32.38 -11.08
N ASP D 66 -0.10 33.59 -11.28
CA ASP D 66 0.77 33.90 -12.41
C ASP D 66 2.17 33.29 -12.29
N ARG D 67 2.60 32.84 -11.10
CA ARG D 67 3.89 32.16 -11.00
C ARG D 67 3.93 30.82 -11.73
N PHE D 68 2.78 30.32 -12.18
CA PHE D 68 2.68 29.07 -12.93
C PHE D 68 2.78 29.38 -14.43
N SER D 69 3.67 28.68 -15.14
CA SER D 69 3.75 28.82 -16.58
C SER D 69 4.01 27.47 -17.25
N GLY D 70 3.40 27.24 -18.40
CA GLY D 70 3.64 26.04 -19.17
C GLY D 70 4.03 26.34 -20.61
N SER D 71 4.83 25.44 -21.18
CA SER D 71 5.34 25.64 -22.54
C SER D 71 5.57 24.28 -23.20
N GLY D 72 5.95 24.33 -24.47
CA GLY D 72 6.35 23.17 -25.24
C GLY D 72 5.59 23.05 -26.55
N SER D 73 5.86 21.93 -27.21
CA SER D 73 5.29 21.69 -28.55
C SER D 73 5.47 20.22 -28.91
N GLY D 74 4.62 19.70 -29.77
CA GLY D 74 4.72 18.32 -30.24
C GLY D 74 4.65 17.29 -29.12
N THR D 75 5.78 16.78 -28.70
CA THR D 75 5.83 15.69 -27.69
C THR D 75 6.47 16.14 -26.40
N ASP D 76 6.84 17.41 -26.30
CA ASP D 76 7.61 17.75 -25.12
C ASP D 76 7.18 19.07 -24.50
N PHE D 77 6.83 19.02 -23.22
CA PHE D 77 6.22 20.12 -22.50
C PHE D 77 6.84 20.24 -21.13
N THR D 78 6.84 21.48 -20.64
CA THR D 78 7.42 21.79 -19.36
C THR D 78 6.43 22.64 -18.58
N LEU D 79 6.25 22.32 -17.32
CA LEU D 79 5.55 23.22 -16.40
C LEU D 79 6.60 23.91 -15.49
N LYS D 80 6.47 25.22 -15.33
CA LYS D 80 7.41 25.99 -14.48
C LYS D 80 6.70 26.74 -13.35
N ILE D 81 7.29 26.66 -12.17
CA ILE D 81 6.83 27.31 -10.99
C ILE D 81 7.86 28.36 -10.61
N ASN D 82 7.47 29.64 -10.71
CA ASN D 82 8.42 30.74 -10.47
C ASN D 82 8.29 31.18 -9.03
N ARG D 83 9.20 30.71 -8.17
CA ARG D 83 9.16 31.05 -6.72
C ARG D 83 8.06 30.23 -6.06
N VAL D 84 8.37 28.99 -5.70
CA VAL D 84 7.36 28.05 -5.14
C VAL D 84 6.79 28.55 -3.81
N GLU D 85 5.49 28.42 -3.64
CA GLU D 85 4.82 28.73 -2.38
C GLU D 85 4.45 27.43 -1.67
N ALA D 86 3.94 27.56 -0.45
CA ALA D 86 3.52 26.40 0.33
C ALA D 86 2.28 25.73 -0.25
N GLU D 87 1.33 26.51 -0.75
CA GLU D 87 0.13 25.90 -1.31
C GLU D 87 0.39 25.15 -2.62
N ASP D 88 1.62 25.18 -3.16
CA ASP D 88 1.94 24.44 -4.38
C ASP D 88 2.43 23.01 -4.14
N LEU D 89 2.73 22.61 -2.90
CA LEU D 89 3.19 21.24 -2.69
C LEU D 89 2.07 20.27 -3.03
N GLY D 90 2.46 19.10 -3.56
CA GLY D 90 1.48 18.13 -3.98
C GLY D 90 1.92 17.52 -5.28
N VAL D 91 0.98 16.90 -6.01
CA VAL D 91 1.29 16.12 -7.20
C VAL D 91 0.82 16.86 -8.46
N TYR D 92 1.73 17.07 -9.41
CA TYR D 92 1.44 17.66 -10.72
C TYR D 92 1.34 16.59 -11.79
N PHE D 93 0.26 16.59 -12.56
CA PHE D 93 0.23 15.67 -13.70
C PHE D 93 -0.25 16.35 -14.98
N CYS D 94 0.25 15.89 -16.12
CA CYS D 94 -0.24 16.36 -17.42
C CYS D 94 -1.32 15.43 -17.95
N SER D 95 -2.04 15.94 -18.95
CA SER D 95 -3.14 15.24 -19.60
C SER D 95 -3.17 15.65 -21.06
N GLN D 96 -3.64 14.75 -21.92
CA GLN D 96 -3.76 15.06 -23.34
C GLN D 96 -5.14 14.66 -23.81
N SER D 97 -5.77 15.53 -24.61
CA SER D 97 -7.05 15.23 -25.24
C SER D 97 -7.00 15.39 -26.75
N THR D 98 -5.80 15.40 -27.35
CA THR D 98 -5.73 15.38 -28.81
C THR D 98 -6.22 14.07 -29.37
N HIS D 99 -5.86 12.97 -28.72
CA HIS D 99 -6.06 11.63 -29.24
C HIS D 99 -7.04 10.91 -28.33
N VAL D 100 -7.91 10.09 -28.93
CA VAL D 100 -8.85 9.28 -28.15
C VAL D 100 -8.18 7.93 -27.95
N PRO D 101 -8.10 7.43 -26.72
CA PRO D 101 -8.63 7.96 -25.46
C PRO D 101 -7.79 9.05 -24.79
N LEU D 102 -8.43 9.90 -23.98
CA LEU D 102 -7.70 10.89 -23.13
C LEU D 102 -6.79 10.09 -22.19
N THR D 103 -5.58 10.55 -21.98
CA THR D 103 -4.63 9.86 -21.08
C THR D 103 -3.96 10.87 -20.16
N PHE D 104 -3.50 10.43 -18.99
CA PHE D 104 -2.82 11.30 -18.05
C PHE D 104 -1.41 10.79 -17.79
N GLY D 105 -0.51 11.72 -17.46
CA GLY D 105 0.73 11.33 -16.83
C GLY D 105 0.52 10.98 -15.36
N ALA D 106 1.41 10.14 -14.83
CA ALA D 106 1.23 9.61 -13.48
C ALA D 106 1.61 10.60 -12.37
N GLY D 107 2.36 11.65 -12.69
CA GLY D 107 2.57 12.71 -11.70
C GLY D 107 3.95 12.90 -11.15
N THR D 108 4.23 14.15 -10.82
CA THR D 108 5.54 14.52 -10.20
C THR D 108 5.21 15.04 -8.80
N LYS D 109 5.89 14.51 -7.79
CA LYS D 109 5.68 15.05 -6.43
C LYS D 109 6.54 16.27 -6.15
N LEU D 110 5.92 17.43 -6.00
CA LEU D 110 6.64 18.62 -5.54
C LEU D 110 6.54 18.62 -4.00
N GLU D 111 7.70 18.35 -3.38
CA GLU D 111 7.78 18.21 -1.91
C GLU D 111 8.73 19.22 -1.26
N LEU D 112 8.94 19.09 0.04
CA LEU D 112 9.59 20.11 0.85
C LEU D 112 11.06 19.87 1.22
N LYS D 113 11.73 18.90 0.59
CA LYS D 113 13.12 18.60 0.99
C LYS D 113 13.14 18.23 2.46
N PHE D 120 13.33 24.95 10.39
CA PHE D 120 13.17 25.70 9.15
C PHE D 120 11.79 26.34 9.03
N LEU D 121 10.84 25.84 9.83
CA LEU D 121 9.48 26.37 9.78
C LEU D 121 9.36 27.79 10.32
N LYS D 122 10.34 28.26 11.08
CA LYS D 122 10.22 29.60 11.64
C LYS D 122 10.39 30.70 10.59
N SER D 123 11.06 30.40 9.47
CA SER D 123 11.18 31.37 8.39
C SER D 123 9.88 31.52 7.61
N TRP D 124 8.90 30.67 7.86
CA TRP D 124 7.59 30.79 7.23
C TRP D 124 6.69 31.79 7.97
N THR D 125 5.71 32.31 7.23
CA THR D 125 4.65 33.14 7.78
C THR D 125 3.56 32.29 8.44
N VAL D 126 2.76 32.94 9.28
CA VAL D 126 1.63 32.27 9.93
C VAL D 126 0.60 31.79 8.89
N GLU D 127 0.39 32.56 7.83
CA GLU D 127 -0.50 32.13 6.74
C GLU D 127 -0.03 30.78 6.18
N ASP D 128 1.24 30.74 5.73
CA ASP D 128 1.81 29.52 5.16
C ASP D 128 1.70 28.33 6.10
N LEU D 129 2.10 28.52 7.37
CA LEU D 129 1.96 27.45 8.35
C LEU D 129 0.50 27.02 8.49
N GLN D 130 -0.45 27.94 8.36
CA GLN D 130 -1.85 27.58 8.48
C GLN D 130 -2.32 26.78 7.27
N LYS D 131 -1.94 27.20 6.06
CA LYS D 131 -2.18 26.41 4.86
C LYS D 131 -1.63 25.00 5.02
N ARG D 132 -0.37 24.90 5.47
CA ARG D 132 0.26 23.61 5.59
C ARG D 132 -0.44 22.74 6.63
N LEU D 133 -0.81 23.33 7.76
CA LEU D 133 -1.53 22.59 8.78
C LEU D 133 -2.84 22.05 8.22
N LEU D 134 -3.60 22.88 7.52
CA LEU D 134 -4.88 22.45 6.93
C LEU D 134 -4.71 21.39 5.83
N ALA D 135 -3.59 21.40 5.10
CA ALA D 135 -3.37 20.36 4.11
C ALA D 135 -3.28 18.98 4.74
N LEU D 136 -2.99 18.89 6.04
CA LEU D 136 -2.89 17.59 6.69
C LEU D 136 -4.26 16.95 6.93
N ASP D 137 -5.33 17.75 7.02
CA ASP D 137 -6.65 17.20 7.33
C ASP D 137 -7.18 16.21 6.30
N PRO D 138 -7.22 16.52 4.99
CA PRO D 138 -7.67 15.51 4.03
C PRO D 138 -6.74 14.31 3.93
N MET D 139 -5.46 14.45 4.34
CA MET D 139 -4.57 13.32 4.40
C MET D 139 -4.96 12.36 5.53
N MET D 140 -5.31 12.92 6.69
CA MET D 140 -5.69 12.08 7.81
C MET D 140 -7.04 11.43 7.58
N GLU D 141 -8.00 12.17 7.03
CA GLU D 141 -9.31 11.58 6.83
C GLU D 141 -9.26 10.50 5.74
N GLN D 142 -8.40 10.67 4.73
CA GLN D 142 -8.21 9.62 3.75
C GLN D 142 -7.80 8.31 4.42
N GLU D 143 -6.79 8.38 5.30
CA GLU D 143 -6.32 7.14 5.93
C GLU D 143 -7.34 6.57 6.91
N ILE D 144 -8.04 7.44 7.63
CA ILE D 144 -9.01 6.98 8.61
C ILE D 144 -10.18 6.29 7.93
N GLU D 145 -10.75 6.91 6.89
CA GLU D 145 -11.81 6.26 6.11
C GLU D 145 -11.34 4.93 5.52
N GLU D 146 -10.06 4.84 5.10
CA GLU D 146 -9.53 3.55 4.64
C GLU D 146 -9.65 2.49 5.75
N ILE D 147 -9.32 2.88 6.99
CA ILE D 147 -9.48 1.96 8.12
C ILE D 147 -10.95 1.59 8.33
N ARG D 148 -11.83 2.59 8.31
CA ARG D 148 -13.25 2.36 8.58
C ARG D 148 -13.84 1.37 7.58
N GLN D 149 -13.47 1.51 6.30
CA GLN D 149 -13.95 0.57 5.28
C GLN D 149 -13.32 -0.80 5.44
N LYS D 150 -12.05 -0.87 5.82
CA LYS D 150 -11.42 -2.16 6.06
C LYS D 150 -12.19 -2.94 7.11
N TYR D 151 -12.57 -2.26 8.19
CA TYR D 151 -13.30 -2.97 9.23
C TYR D 151 -14.72 -3.28 8.83
N GLN D 152 -15.31 -2.51 7.91
CA GLN D 152 -16.58 -2.93 7.33
C GLN D 152 -16.48 -4.28 6.62
N CYS D 153 -15.48 -4.40 5.72
CA CYS D 153 -15.25 -5.69 5.08
C CYS D 153 -15.01 -6.77 6.13
N LYS D 154 -14.28 -6.43 7.19
CA LYS D 154 -14.04 -7.41 8.25
C LYS D 154 -15.34 -7.79 8.98
N ARG D 155 -16.28 -6.85 9.10
CA ARG D 155 -17.52 -7.16 9.81
C ARG D 155 -18.40 -8.06 8.98
N GLN D 156 -18.36 -7.94 7.67
CA GLN D 156 -19.36 -8.67 6.86
C GLN D 156 -19.37 -10.19 7.11
N PRO D 157 -18.27 -10.95 6.96
CA PRO D 157 -18.34 -12.40 7.11
C PRO D 157 -18.96 -12.90 8.42
N ILE D 158 -18.74 -12.18 9.52
CA ILE D 158 -19.31 -12.58 10.83
C ILE D 158 -20.82 -12.34 10.75
N LEU D 159 -21.23 -11.17 10.29
CA LEU D 159 -22.67 -10.83 10.19
C LEU D 159 -23.37 -11.85 9.29
N ASP D 160 -22.69 -12.28 8.24
CA ASP D 160 -23.31 -13.21 7.26
C ASP D 160 -23.49 -14.55 7.95
N ALA D 161 -22.52 -14.96 8.76
CA ALA D 161 -22.64 -16.20 9.54
C ALA D 161 -23.73 -16.08 10.68
N ILE D 162 -23.80 -14.93 11.32
CA ILE D 162 -24.75 -14.81 12.45
C ILE D 162 -26.15 -14.85 11.84
N GLU D 163 -26.34 -14.19 10.71
CA GLU D 163 -27.67 -14.07 10.07
C GLU D 163 -28.04 -15.38 9.39
N ALA D 164 -27.15 -16.36 9.46
CA ALA D 164 -27.43 -17.67 8.85
C ALA D 164 -27.58 -18.72 9.95
N LYS D 165 -28.63 -18.66 10.76
CA LYS D 165 -28.68 -19.71 11.78
C LYS D 165 -29.95 -20.56 11.68
#